data_7OC0
#
_entry.id   7OC0
#
_cell.length_a   65.709
_cell.length_b   84.054
_cell.length_c   137.715
_cell.angle_alpha   90.00
_cell.angle_beta   90.00
_cell.angle_gamma   90.00
#
_symmetry.space_group_name_H-M   'P 21 21 21'
#
loop_
_entity.id
_entity.type
_entity.pdbx_description
1 polymer '3-oxoacyl-[acyl-carrier-protein] synthase 2'
2 non-polymer '(2S,4R)-2-(thiophen-2-yl)thiazolidine-4-carboxylic acid'
3 non-polymer 'DIMETHYL SULFOXIDE'
4 non-polymer 'MAGNESIUM ION'
5 water water
#
_entity_poly.entity_id   1
_entity_poly.type   'polypeptide(L)'
_entity_poly.pdbx_seq_one_letter_code
;SRRRVVITGMGMLSPLGLDVPSSWEGILAGRSGIAPIEHMDLSAYSTRFGGSVKGFNVEEYLSAKEARKLDLFIQYGLAA
SFQAVRDSGLEVTDANRERIGVSMGSGIGGLTNIENNCRSLFEQGPRRISPFFVPGSIINMVSGFLSIHLGLQGPNYALT
TAQTTGTHSIGMAARNIAYGEADVMVAGGSEMAACGLGLGGFGAARALSTRNDEPTRASRPWDRDRDGFVLSDGSGALVL
EELEHARARGARIYAELVGFGMSGDAFHMTAPPEDGAGAARCMKNALRDAGLDPRQVDYINAHGTSTPAGDIAEIAAVKS
VFGEHAHALSMSSTKSMTGHLLGAAGAVEAIFSVLALRDQVAPPTINLDNPDEGCDLDLVAHEAKPRKIDVALSNSFGFG
GTNGTLVFRRFA
;
_entity_poly.pdbx_strand_id   A,B
#
# COMPACT_ATOMS: atom_id res chain seq x y z
N SER A 1 19.36 11.56 -17.37
CA SER A 1 17.94 11.52 -16.96
C SER A 1 17.63 10.20 -16.23
N ARG A 2 16.79 9.34 -16.82
CA ARG A 2 16.32 8.07 -16.22
C ARG A 2 17.41 7.01 -16.30
N ARG A 3 17.73 6.35 -15.19
CA ARG A 3 18.74 5.27 -15.10
C ARG A 3 18.09 3.94 -15.46
N ARG A 4 18.87 2.99 -15.96
CA ARG A 4 18.42 1.64 -16.36
C ARG A 4 18.37 0.74 -15.12
N VAL A 5 17.42 -0.20 -15.11
CA VAL A 5 17.14 -1.06 -13.98
C VAL A 5 17.17 -2.50 -14.45
N VAL A 6 17.93 -3.33 -13.75
CA VAL A 6 18.06 -4.74 -14.04
C VAL A 6 17.67 -5.58 -12.84
N ILE A 7 17.42 -6.87 -13.11
CA ILE A 7 17.05 -7.86 -12.11
C ILE A 7 18.27 -8.72 -11.83
N THR A 8 18.71 -8.73 -10.57
CA THR A 8 19.93 -9.44 -10.17
C THR A 8 19.72 -10.58 -9.17
N GLY A 9 18.49 -10.72 -8.65
CA GLY A 9 18.16 -11.79 -7.71
C GLY A 9 16.66 -12.02 -7.67
N MET A 10 16.28 -13.28 -7.42
CA MET A 10 14.87 -13.64 -7.34
C MET A 10 14.67 -14.69 -6.27
N GLY A 11 13.48 -14.66 -5.65
CA GLY A 11 13.10 -15.60 -4.62
C GLY A 11 11.61 -15.86 -4.68
N MET A 12 11.18 -17.03 -4.20
CA MET A 12 9.80 -17.44 -4.33
C MET A 12 9.41 -18.56 -3.39
N LEU A 13 8.15 -18.51 -2.93
CA LEU A 13 7.42 -19.67 -2.41
C LEU A 13 6.16 -19.77 -3.25
N SER A 14 5.85 -20.98 -3.74
CA SER A 14 4.66 -21.17 -4.54
C SER A 14 4.09 -22.56 -4.28
N PRO A 15 2.87 -22.85 -4.78
CA PRO A 15 2.34 -24.21 -4.75
C PRO A 15 3.19 -25.26 -5.49
N LEU A 16 4.13 -24.82 -6.33
CA LEU A 16 5.01 -25.73 -7.07
C LEU A 16 6.38 -25.95 -6.42
N GLY A 17 6.71 -25.14 -5.39
CA GLY A 17 8.02 -25.26 -4.79
C GLY A 17 8.38 -24.21 -3.78
N LEU A 18 9.40 -24.52 -2.98
CA LEU A 18 9.88 -23.67 -1.90
C LEU A 18 10.99 -22.71 -2.32
N ASP A 19 11.29 -22.68 -3.61
CA ASP A 19 12.24 -21.71 -4.18
C ASP A 19 11.99 -21.55 -5.65
N VAL A 20 12.76 -20.68 -6.29
CA VAL A 20 12.62 -20.39 -7.71
C VAL A 20 12.88 -21.60 -8.61
N PRO A 21 14.06 -22.26 -8.52
N PRO A 21 14.06 -22.26 -8.52
CA PRO A 21 14.36 -23.38 -9.42
CA PRO A 21 14.36 -23.38 -9.42
C PRO A 21 13.33 -24.51 -9.36
C PRO A 21 13.33 -24.51 -9.36
N SER A 22 12.89 -24.89 -8.17
CA SER A 22 11.90 -25.95 -8.01
C SER A 22 10.54 -25.55 -8.59
N SER A 23 10.13 -24.29 -8.37
CA SER A 23 8.87 -23.80 -8.93
C SER A 23 8.91 -23.81 -10.47
N TRP A 24 10.02 -23.30 -11.02
CA TRP A 24 10.21 -23.19 -12.47
C TRP A 24 10.26 -24.55 -13.12
N GLU A 25 10.88 -25.53 -12.45
CA GLU A 25 10.87 -26.91 -12.94
C GLU A 25 9.44 -27.40 -13.12
N GLY A 26 8.58 -27.14 -12.13
CA GLY A 26 7.17 -27.51 -12.19
C GLY A 26 6.46 -26.80 -13.34
N ILE A 27 6.73 -25.50 -13.50
CA ILE A 27 6.12 -24.70 -14.57
C ILE A 27 6.42 -25.34 -15.93
N LEU A 28 7.70 -25.63 -16.19
CA LEU A 28 8.12 -26.14 -17.48
C LEU A 28 7.62 -27.57 -17.72
N ALA A 29 7.38 -28.33 -16.65
CA ALA A 29 6.83 -29.68 -16.74
C ALA A 29 5.31 -29.73 -16.84
N GLY A 30 4.65 -28.56 -16.76
CA GLY A 30 3.19 -28.50 -16.75
C GLY A 30 2.53 -29.11 -15.52
N ARG A 31 3.22 -29.08 -14.38
CA ARG A 31 2.75 -29.68 -13.11
C ARG A 31 1.74 -28.75 -12.42
N SER A 32 0.66 -29.30 -11.87
CA SER A 32 -0.29 -28.53 -11.08
C SER A 32 0.16 -28.54 -9.63
N GLY A 33 0.04 -27.38 -8.97
CA GLY A 33 0.27 -27.25 -7.56
C GLY A 33 -1.01 -27.24 -6.74
N ILE A 34 -2.13 -27.62 -7.36
CA ILE A 34 -3.45 -27.48 -6.75
C ILE A 34 -3.91 -28.81 -6.15
N ALA A 35 -4.45 -28.75 -4.93
CA ALA A 35 -4.88 -29.95 -4.22
C ALA A 35 -5.92 -29.61 -3.16
N PRO A 36 -6.70 -30.60 -2.67
CA PRO A 36 -7.60 -30.38 -1.54
C PRO A 36 -6.81 -29.75 -0.38
N ILE A 37 -7.39 -28.74 0.26
CA ILE A 37 -6.77 -28.05 1.37
C ILE A 37 -6.82 -28.95 2.59
N GLU A 38 -5.66 -29.10 3.24
CA GLU A 38 -5.49 -30.01 4.38
C GLU A 38 -5.42 -29.30 5.74
N HIS A 39 -5.13 -27.99 5.73
CA HIS A 39 -4.84 -27.25 6.97
C HIS A 39 -6.09 -26.78 7.72
N MET A 40 -7.27 -26.92 7.10
CA MET A 40 -8.53 -26.63 7.75
C MET A 40 -9.66 -27.48 7.17
N ASP A 41 -10.79 -27.51 7.90
CA ASP A 41 -11.98 -28.27 7.53
C ASP A 41 -12.93 -27.41 6.70
N LEU A 42 -13.01 -27.73 5.40
CA LEU A 42 -13.80 -26.99 4.43
C LEU A 42 -15.06 -27.73 3.98
N SER A 43 -15.53 -28.69 4.78
CA SER A 43 -16.71 -29.47 4.42
C SER A 43 -17.94 -28.58 4.16
N ALA A 44 -18.06 -27.48 4.90
CA ALA A 44 -19.19 -26.54 4.76
C ALA A 44 -19.04 -25.50 3.62
N TYR A 45 -17.89 -25.51 2.93
CA TYR A 45 -17.52 -24.50 1.89
C TYR A 45 -17.80 -25.11 0.50
N SER A 46 -18.11 -24.25 -0.47
CA SER A 46 -18.37 -24.69 -1.84
C SER A 46 -17.08 -25.01 -2.62
N THR A 47 -15.95 -24.49 -2.14
CA THR A 47 -14.62 -24.74 -2.70
C THR A 47 -13.70 -25.23 -1.58
N ARG A 48 -13.05 -26.38 -1.81
CA ARG A 48 -12.35 -27.15 -0.75
C ARG A 48 -10.90 -27.42 -1.17
N PHE A 49 -10.41 -26.75 -2.21
CA PHE A 49 -9.06 -26.96 -2.74
C PHE A 49 -8.43 -25.62 -3.08
N GLY A 50 -7.12 -25.64 -3.34
CA GLY A 50 -6.37 -24.47 -3.71
C GLY A 50 -4.90 -24.80 -3.81
N GLY A 51 -4.08 -23.75 -3.97
CA GLY A 51 -2.64 -23.88 -4.08
C GLY A 51 -1.99 -23.49 -2.77
N SER A 52 -1.56 -24.50 -2.00
CA SER A 52 -0.90 -24.29 -0.74
C SER A 52 0.61 -24.36 -0.93
N VAL A 53 1.36 -23.70 -0.05
CA VAL A 53 2.79 -23.90 0.04
C VAL A 53 2.98 -25.15 0.88
N LYS A 54 3.72 -26.13 0.34
CA LYS A 54 3.91 -27.43 0.99
C LYS A 54 5.29 -27.54 1.62
N GLY A 55 5.33 -27.89 2.92
CA GLY A 55 6.57 -28.19 3.62
C GLY A 55 7.46 -26.99 3.94
N PHE A 56 6.84 -25.81 4.10
CA PHE A 56 7.57 -24.59 4.39
C PHE A 56 8.23 -24.70 5.77
N ASN A 57 9.52 -24.41 5.83
CA ASN A 57 10.28 -24.41 7.08
C ASN A 57 10.78 -23.00 7.38
N VAL A 58 9.99 -22.27 8.17
CA VAL A 58 10.30 -20.89 8.49
C VAL A 58 11.63 -20.77 9.26
N GLU A 59 12.05 -21.86 9.93
CA GLU A 59 13.28 -21.88 10.74
C GLU A 59 14.58 -21.78 9.93
N GLU A 60 14.48 -21.97 8.61
CA GLU A 60 15.57 -21.64 7.71
C GLU A 60 15.86 -20.14 7.62
N TYR A 61 14.89 -19.33 8.04
CA TYR A 61 14.90 -17.85 7.92
C TYR A 61 14.87 -17.15 9.28
N LEU A 62 14.01 -17.63 10.20
CA LEU A 62 13.69 -16.97 11.46
C LEU A 62 13.65 -17.99 12.58
N SER A 63 13.78 -17.53 13.82
CA SER A 63 13.54 -18.40 14.96
C SER A 63 12.05 -18.72 15.04
N ALA A 64 11.74 -19.87 15.66
CA ALA A 64 10.36 -20.30 15.88
C ALA A 64 9.61 -19.24 16.65
N LYS A 65 10.29 -18.64 17.64
CA LYS A 65 9.77 -17.57 18.50
C LYS A 65 9.35 -16.35 17.69
N GLU A 66 10.26 -15.90 16.82
CA GLU A 66 10.01 -14.76 15.94
C GLU A 66 8.83 -15.08 15.02
N ALA A 67 8.83 -16.30 14.46
CA ALA A 67 7.84 -16.70 13.47
C ALA A 67 6.44 -16.75 14.02
N ARG A 68 6.29 -17.14 15.29
CA ARG A 68 4.97 -17.30 15.97
C ARG A 68 4.26 -15.94 16.06
N LYS A 69 5.02 -14.84 16.05
CA LYS A 69 4.47 -13.50 16.11
C LYS A 69 3.92 -13.00 14.76
N LEU A 70 4.24 -13.70 13.67
CA LEU A 70 4.01 -13.19 12.32
C LEU A 70 3.02 -14.04 11.54
N ASP A 71 2.05 -13.38 10.89
CA ASP A 71 1.12 -14.06 9.99
C ASP A 71 1.92 -14.74 8.90
N LEU A 72 1.35 -15.82 8.36
CA LEU A 72 2.00 -16.55 7.28
C LEU A 72 2.35 -15.69 6.09
N PHE A 73 1.52 -14.70 5.72
CA PHE A 73 1.84 -13.88 4.56
C PHE A 73 3.19 -13.15 4.77
N ILE A 74 3.47 -12.75 6.01
CA ILE A 74 4.72 -12.09 6.35
C ILE A 74 5.89 -13.07 6.31
N GLN A 75 5.66 -14.27 6.87
CA GLN A 75 6.68 -15.31 6.82
C GLN A 75 7.07 -15.64 5.37
N TYR A 76 6.07 -15.78 4.49
CA TYR A 76 6.25 -16.09 3.06
C TYR A 76 7.00 -14.95 2.37
N GLY A 77 6.63 -13.71 2.63
CA GLY A 77 7.27 -12.54 2.03
C GLY A 77 8.72 -12.44 2.44
N LEU A 78 9.00 -12.70 3.71
CA LEU A 78 10.37 -12.69 4.22
C LEU A 78 11.20 -13.79 3.57
N ALA A 79 10.63 -14.99 3.45
CA ALA A 79 11.32 -16.11 2.83
C ALA A 79 11.75 -15.78 1.41
N ALA A 80 10.81 -15.26 0.61
CA ALA A 80 11.08 -14.88 -0.77
C ALA A 80 12.15 -13.79 -0.84
N SER A 81 12.03 -12.79 0.05
CA SER A 81 12.95 -11.66 0.09
C SER A 81 14.38 -12.10 0.45
N PHE A 82 14.50 -12.91 1.50
CA PHE A 82 15.80 -13.45 1.91
C PHE A 82 16.44 -14.25 0.76
N GLN A 83 15.64 -15.08 0.08
CA GLN A 83 16.14 -15.87 -1.04
C GLN A 83 16.69 -14.95 -2.14
N ALA A 84 15.91 -13.90 -2.45
CA ALA A 84 16.26 -13.00 -3.55
C ALA A 84 17.55 -12.26 -3.26
N VAL A 85 17.67 -11.75 -2.04
CA VAL A 85 18.87 -11.03 -1.64
C VAL A 85 20.10 -11.97 -1.72
N ARG A 86 19.96 -13.19 -1.22
CA ARG A 86 21.03 -14.21 -1.27
C ARG A 86 21.38 -14.49 -2.74
N ASP A 87 20.36 -14.71 -3.57
CA ASP A 87 20.54 -14.98 -5.00
C ASP A 87 21.29 -13.83 -5.71
N SER A 88 21.07 -12.59 -5.26
CA SER A 88 21.69 -11.42 -5.87
C SER A 88 23.20 -11.29 -5.61
N GLY A 89 23.67 -11.92 -4.51
CA GLY A 89 25.04 -11.78 -4.07
C GLY A 89 25.35 -10.44 -3.41
N LEU A 90 24.33 -9.59 -3.22
CA LEU A 90 24.52 -8.25 -2.67
C LEU A 90 24.99 -8.34 -1.22
N GLU A 91 25.99 -7.54 -0.87
CA GLU A 91 26.50 -7.41 0.50
C GLU A 91 26.06 -6.05 1.01
N VAL A 92 25.31 -6.04 2.11
CA VAL A 92 24.83 -4.80 2.71
C VAL A 92 25.91 -4.26 3.66
N THR A 93 26.29 -2.99 3.45
CA THR A 93 27.35 -2.33 4.22
C THR A 93 26.92 -0.93 4.60
N ASP A 94 27.69 -0.28 5.49
CA ASP A 94 27.44 1.11 5.82
C ASP A 94 27.51 2.01 4.58
N ALA A 95 28.34 1.62 3.60
CA ALA A 95 28.51 2.39 2.37
C ALA A 95 27.28 2.37 1.44
N ASN A 96 26.45 1.33 1.52
CA ASN A 96 25.28 1.22 0.62
C ASN A 96 23.89 1.08 1.26
N ARG A 97 23.81 0.95 2.59
CA ARG A 97 22.55 0.53 3.26
C ARG A 97 21.48 1.61 3.08
N GLU A 98 21.86 2.88 2.96
CA GLU A 98 20.90 3.95 2.74
C GLU A 98 20.31 3.94 1.33
N ARG A 99 20.91 3.17 0.42
CA ARG A 99 20.56 3.15 -1.02
C ARG A 99 19.78 1.87 -1.36
N ILE A 100 19.46 1.05 -0.37
CA ILE A 100 18.74 -0.19 -0.58
C ILE A 100 17.43 -0.13 0.16
N GLY A 101 16.33 -0.23 -0.59
CA GLY A 101 14.99 -0.18 -0.03
C GLY A 101 14.22 -1.44 -0.30
N VAL A 102 12.97 -1.43 0.14
CA VAL A 102 12.09 -2.59 0.07
CA VAL A 102 12.09 -2.59 0.05
C VAL A 102 10.67 -2.14 -0.18
N SER A 103 9.99 -2.84 -1.09
CA SER A 103 8.58 -2.64 -1.34
C SER A 103 7.94 -3.99 -1.62
N MET A 104 7.49 -4.64 -0.55
CA MET A 104 6.83 -5.93 -0.62
C MET A 104 5.39 -5.67 -0.16
N GLY A 105 4.43 -6.07 -1.00
CA GLY A 105 3.03 -5.77 -0.76
C GLY A 105 2.21 -7.02 -0.55
N SER A 106 0.91 -6.80 -0.28
CA SER A 106 -0.05 -7.88 -0.21
C SER A 106 -1.42 -7.31 -0.53
N GLY A 107 -2.28 -8.16 -1.12
CA GLY A 107 -3.63 -7.78 -1.49
C GLY A 107 -4.56 -7.74 -0.28
N ILE A 108 -4.49 -8.80 0.54
CA ILE A 108 -5.36 -8.96 1.70
C ILE A 108 -4.62 -8.86 3.03
N GLY A 109 -3.36 -9.29 3.05
CA GLY A 109 -2.56 -9.25 4.26
C GLY A 109 -2.97 -10.32 5.25
N GLY A 110 -2.98 -9.95 6.55
CA GLY A 110 -2.97 -10.92 7.63
C GLY A 110 -4.33 -11.45 8.05
N LEU A 111 -5.12 -11.89 7.08
CA LEU A 111 -6.49 -12.30 7.30
C LEU A 111 -6.56 -13.47 8.28
N THR A 112 -5.65 -14.44 8.18
CA THR A 112 -5.65 -15.60 9.06
C THR A 112 -5.41 -15.19 10.52
N ASN A 113 -4.39 -14.36 10.74
CA ASN A 113 -4.11 -13.80 12.06
C ASN A 113 -5.28 -12.97 12.61
N ILE A 114 -5.91 -12.16 11.75
CA ILE A 114 -7.04 -11.33 12.18
C ILE A 114 -8.20 -12.23 12.59
N GLU A 115 -8.49 -13.23 11.77
CA GLU A 115 -9.50 -14.24 12.07
C GLU A 115 -9.27 -14.91 13.42
N ASN A 116 -8.03 -15.35 13.67
CA ASN A 116 -7.67 -16.05 14.92
C ASN A 116 -7.81 -15.15 16.13
N ASN A 117 -7.44 -13.88 15.96
CA ASN A 117 -7.58 -12.92 17.05
C ASN A 117 -9.04 -12.54 17.27
N CYS A 118 -9.85 -12.53 16.20
CA CYS A 118 -11.26 -12.27 16.32
CA CYS A 118 -11.30 -12.33 16.26
C CYS A 118 -11.94 -13.39 17.12
N ARG A 119 -11.53 -14.64 16.86
CA ARG A 119 -12.02 -15.86 17.53
C ARG A 119 -11.70 -15.72 19.03
N SER A 120 -10.46 -15.36 19.36
CA SER A 120 -10.05 -15.13 20.75
C SER A 120 -10.90 -14.07 21.43
N LEU A 121 -11.11 -12.95 20.74
CA LEU A 121 -11.90 -11.84 21.25
C LEU A 121 -13.34 -12.24 21.59
N PHE A 122 -14.01 -12.92 20.64
CA PHE A 122 -15.42 -13.25 20.80
C PHE A 122 -15.69 -14.39 21.78
N GLU A 123 -14.81 -15.39 21.78
CA GLU A 123 -15.01 -16.61 22.58
C GLU A 123 -14.41 -16.51 23.97
N GLN A 124 -13.33 -15.72 24.13
CA GLN A 124 -12.59 -15.63 25.39
C GLN A 124 -12.52 -14.22 25.98
N GLY A 125 -12.35 -13.22 25.11
CA GLY A 125 -12.40 -11.83 25.51
C GLY A 125 -11.16 -11.07 25.06
N PRO A 126 -11.16 -9.72 25.18
CA PRO A 126 -10.11 -8.87 24.61
C PRO A 126 -8.70 -9.12 25.17
N ARG A 127 -8.59 -9.68 26.39
CA ARG A 127 -7.27 -9.94 27.04
C ARG A 127 -6.56 -11.13 26.39
N ARG A 128 -7.23 -11.86 25.48
CA ARG A 128 -6.62 -12.95 24.69
C ARG A 128 -6.18 -12.45 23.30
N ILE A 129 -6.35 -11.17 22.99
CA ILE A 129 -5.74 -10.61 21.78
C ILE A 129 -4.22 -10.54 21.94
N SER A 130 -3.48 -11.00 20.94
CA SER A 130 -2.04 -11.05 21.05
C SER A 130 -1.47 -9.64 21.17
N PRO A 131 -0.46 -9.42 22.04
CA PRO A 131 0.29 -8.16 22.05
C PRO A 131 0.96 -7.84 20.70
N PHE A 132 1.23 -8.87 19.88
CA PHE A 132 1.88 -8.72 18.59
C PHE A 132 0.88 -8.69 17.43
N PHE A 133 -0.41 -8.62 17.75
CA PHE A 133 -1.47 -8.64 16.75
C PHE A 133 -1.25 -7.62 15.63
N VAL A 134 -1.05 -6.36 15.99
CA VAL A 134 -0.94 -5.30 14.97
C VAL A 134 0.33 -5.45 14.12
N PRO A 135 1.54 -5.47 14.71
CA PRO A 135 2.77 -5.61 13.93
C PRO A 135 2.85 -6.95 13.18
N GLY A 136 2.21 -8.00 13.70
CA GLY A 136 2.21 -9.30 13.07
C GLY A 136 1.20 -9.50 11.93
N SER A 137 0.36 -8.49 11.68
CA SER A 137 -0.76 -8.63 10.74
C SER A 137 -0.81 -7.59 9.63
N ILE A 138 -0.18 -6.43 9.83
CA ILE A 138 -0.29 -5.34 8.88
C ILE A 138 0.66 -5.54 7.69
N ILE A 139 0.23 -5.04 6.54
CA ILE A 139 0.83 -5.36 5.27
C ILE A 139 2.27 -4.84 5.12
N ASN A 140 2.59 -3.71 5.76
CA ASN A 140 3.94 -3.14 5.61
C ASN A 140 5.04 -3.84 6.41
N MET A 141 4.69 -4.93 7.11
CA MET A 141 5.64 -5.56 8.01
C MET A 141 6.60 -6.53 7.32
N VAL A 142 6.34 -6.88 6.05
CA VAL A 142 7.33 -7.63 5.28
C VAL A 142 8.51 -6.69 5.01
N SER A 143 8.21 -5.51 4.49
CA SER A 143 9.20 -4.45 4.29
C SER A 143 9.88 -4.06 5.60
N GLY A 144 9.08 -3.86 6.65
CA GLY A 144 9.58 -3.53 7.96
C GLY A 144 10.58 -4.55 8.49
N PHE A 145 10.13 -5.81 8.60
CA PHE A 145 10.97 -6.88 9.16
C PHE A 145 12.20 -7.18 8.30
N LEU A 146 12.03 -7.18 6.97
CA LEU A 146 13.19 -7.37 6.09
C LEU A 146 14.24 -6.28 6.30
N SER A 147 13.80 -5.03 6.38
CA SER A 147 14.72 -3.92 6.58
C SER A 147 15.50 -4.07 7.90
N ILE A 148 14.80 -4.49 8.96
CA ILE A 148 15.41 -4.72 10.26
C ILE A 148 16.43 -5.86 10.22
N HIS A 149 16.05 -6.99 9.60
CA HIS A 149 16.90 -8.17 9.56
C HIS A 149 18.16 -7.99 8.69
N LEU A 150 18.02 -7.27 7.56
CA LEU A 150 19.13 -7.07 6.64
C LEU A 150 19.86 -5.72 6.81
N GLY A 151 19.24 -4.77 7.52
CA GLY A 151 19.82 -3.44 7.72
C GLY A 151 19.62 -2.48 6.55
N LEU A 152 18.46 -2.56 5.90
CA LEU A 152 18.13 -1.76 4.72
C LEU A 152 17.52 -0.45 5.15
N GLN A 153 18.16 0.67 4.77
CA GLN A 153 17.71 1.99 5.23
C GLN A 153 17.13 2.90 4.15
N GLY A 154 17.00 2.38 2.92
CA GLY A 154 16.42 3.11 1.82
C GLY A 154 14.90 3.15 1.90
N PRO A 155 14.21 3.60 0.82
CA PRO A 155 12.75 3.72 0.81
C PRO A 155 12.09 2.41 1.27
N ASN A 156 11.15 2.52 2.20
CA ASN A 156 10.55 1.39 2.86
C ASN A 156 9.04 1.56 2.82
N TYR A 157 8.35 0.77 1.99
CA TYR A 157 6.88 0.91 1.83
C TYR A 157 6.25 -0.37 1.32
N ALA A 158 4.93 -0.36 1.21
CA ALA A 158 4.16 -1.48 0.76
C ALA A 158 2.95 -0.95 0.02
N LEU A 159 2.66 -1.59 -1.11
CA LEU A 159 1.49 -1.35 -1.89
C LEU A 159 0.47 -2.39 -1.52
N THR A 160 -0.80 -2.02 -1.70
CA THR A 160 -1.89 -2.96 -1.63
C THR A 160 -2.89 -2.59 -2.71
N THR A 161 -2.76 -3.26 -3.86
CA THR A 161 -3.64 -3.07 -5.00
C THR A 161 -4.26 -4.38 -5.45
N ALA A 162 -4.77 -5.13 -4.46
CA ALA A 162 -5.46 -6.39 -4.69
C ALA A 162 -4.61 -7.30 -5.58
N GLN A 163 -5.21 -7.83 -6.66
CA GLN A 163 -4.53 -8.82 -7.50
C GLN A 163 -3.41 -8.23 -8.38
N THR A 164 -3.22 -6.90 -8.33
CA THR A 164 -2.21 -6.20 -9.08
C THR A 164 -0.98 -5.85 -8.23
N THR A 165 -1.05 -6.15 -6.93
CA THR A 165 -0.06 -5.70 -5.95
C THR A 165 1.40 -5.98 -6.36
N GLY A 166 1.69 -7.24 -6.69
CA GLY A 166 3.04 -7.68 -7.02
C GLY A 166 3.62 -6.93 -8.21
N THR A 167 2.77 -6.72 -9.23
CA THR A 167 3.15 -6.00 -10.43
C THR A 167 3.43 -4.53 -10.14
N HIS A 168 2.51 -3.86 -9.44
CA HIS A 168 2.73 -2.48 -9.05
C HIS A 168 3.95 -2.28 -8.15
N SER A 169 4.16 -3.22 -7.21
CA SER A 169 5.27 -3.15 -6.27
C SER A 169 6.61 -3.13 -7.02
N ILE A 170 6.74 -4.02 -8.01
CA ILE A 170 7.95 -4.14 -8.80
C ILE A 170 8.15 -2.90 -9.68
N GLY A 171 7.06 -2.45 -10.33
CA GLY A 171 7.11 -1.28 -11.20
C GLY A 171 7.48 0.00 -10.48
N MET A 172 6.84 0.27 -9.34
CA MET A 172 7.13 1.47 -8.56
C MET A 172 8.51 1.45 -7.92
N ALA A 173 8.97 0.26 -7.52
CA ALA A 173 10.33 0.07 -7.04
C ALA A 173 11.35 0.40 -8.14
N ALA A 174 11.07 -0.04 -9.36
CA ALA A 174 11.92 0.26 -10.50
C ALA A 174 12.00 1.78 -10.72
N ARG A 175 10.87 2.48 -10.59
CA ARG A 175 10.80 3.97 -10.70
C ARG A 175 11.69 4.61 -9.63
N ASN A 176 11.66 4.12 -8.39
CA ASN A 176 12.54 4.66 -7.34
C ASN A 176 14.01 4.64 -7.79
N ILE A 177 14.41 3.53 -8.43
CA ILE A 177 15.79 3.35 -8.86
C ILE A 177 16.10 4.24 -10.07
N ALA A 178 15.19 4.21 -11.05
CA ALA A 178 15.34 4.95 -12.29
C ALA A 178 15.54 6.43 -12.05
N TYR A 179 14.84 6.97 -11.04
CA TYR A 179 14.81 8.41 -10.71
C TYR A 179 15.75 8.74 -9.52
N GLY A 180 16.56 7.77 -9.08
CA GLY A 180 17.68 8.05 -8.19
C GLY A 180 17.39 8.07 -6.69
N GLU A 181 16.19 7.62 -6.30
CA GLU A 181 15.81 7.54 -4.88
C GLU A 181 16.42 6.33 -4.17
N ALA A 182 16.90 5.36 -4.96
CA ALA A 182 17.56 4.17 -4.45
C ALA A 182 18.40 3.58 -5.57
N ASP A 183 19.38 2.77 -5.20
CA ASP A 183 20.19 2.00 -6.15
C ASP A 183 19.75 0.55 -6.23
N VAL A 184 19.15 0.05 -5.15
CA VAL A 184 18.65 -1.31 -5.07
C VAL A 184 17.29 -1.31 -4.37
N MET A 185 16.37 -2.14 -4.85
CA MET A 185 15.10 -2.38 -4.17
C MET A 185 14.79 -3.86 -4.20
N VAL A 186 14.29 -4.37 -3.06
CA VAL A 186 13.71 -5.69 -2.98
C VAL A 186 12.20 -5.49 -3.13
N ALA A 187 11.61 -6.10 -4.16
CA ALA A 187 10.20 -5.82 -4.48
C ALA A 187 9.44 -7.05 -4.88
N GLY A 188 8.14 -7.05 -4.57
CA GLY A 188 7.26 -8.15 -4.90
C GLY A 188 6.06 -8.15 -4.01
N GLY A 189 5.57 -9.35 -3.68
CA GLY A 189 4.38 -9.50 -2.88
C GLY A 189 4.23 -10.89 -2.28
N SER A 190 3.30 -10.99 -1.32
CA SER A 190 3.04 -12.26 -0.64
C SER A 190 1.58 -12.32 -0.25
N GLU A 191 1.07 -13.54 -0.10
CA GLU A 191 -0.32 -13.72 0.20
C GLU A 191 -0.55 -15.07 0.85
N MET A 192 -1.43 -15.07 1.85
CA MET A 192 -1.96 -16.28 2.48
CA MET A 192 -1.96 -16.29 2.46
C MET A 192 -3.38 -15.94 2.92
N ALA A 193 -4.34 -16.12 2.01
CA ALA A 193 -5.73 -15.80 2.28
C ALA A 193 -6.59 -17.05 2.43
N ALA A 194 -5.93 -18.22 2.57
CA ALA A 194 -6.62 -19.50 2.74
C ALA A 194 -7.03 -19.70 4.20
N CYS A 195 -8.07 -18.97 4.61
CA CYS A 195 -8.73 -19.15 5.89
C CYS A 195 -10.22 -19.07 5.59
N GLY A 196 -11.04 -19.27 6.62
CA GLY A 196 -12.48 -19.22 6.49
C GLY A 196 -12.97 -17.96 5.79
N LEU A 197 -12.48 -16.80 6.23
CA LEU A 197 -12.87 -15.50 5.67
C LEU A 197 -12.53 -15.38 4.19
N GLY A 198 -11.35 -15.89 3.82
CA GLY A 198 -10.88 -15.83 2.44
C GLY A 198 -11.66 -16.72 1.50
N LEU A 199 -11.67 -18.02 1.78
CA LEU A 199 -12.41 -18.99 0.98
C LEU A 199 -13.90 -18.70 1.00
N GLY A 200 -14.41 -18.30 2.17
CA GLY A 200 -15.82 -17.96 2.35
C GLY A 200 -16.19 -16.66 1.65
N GLY A 201 -15.29 -15.67 1.72
CA GLY A 201 -15.46 -14.38 1.08
C GLY A 201 -15.52 -14.44 -0.45
N PHE A 202 -14.52 -15.11 -1.04
CA PHE A 202 -14.50 -15.33 -2.48
C PHE A 202 -15.61 -16.30 -2.92
N GLY A 203 -15.91 -17.28 -2.06
CA GLY A 203 -17.02 -18.21 -2.25
C GLY A 203 -18.37 -17.50 -2.33
N ALA A 204 -18.61 -16.58 -1.40
CA ALA A 204 -19.86 -15.81 -1.34
C ALA A 204 -20.07 -14.96 -2.59
N ALA A 205 -18.97 -14.48 -3.20
CA ALA A 205 -19.02 -13.75 -4.47
C ALA A 205 -19.16 -14.67 -5.68
N ARG A 206 -19.06 -15.98 -5.47
CA ARG A 206 -19.13 -17.03 -6.51
C ARG A 206 -17.98 -16.81 -7.50
N ALA A 207 -16.81 -16.37 -7.02
CA ALA A 207 -15.66 -16.07 -7.86
C ALA A 207 -14.76 -17.29 -8.10
N LEU A 208 -14.87 -18.30 -7.22
CA LEU A 208 -13.99 -19.46 -7.20
C LEU A 208 -14.55 -20.61 -8.02
N SER A 209 -13.66 -21.37 -8.66
CA SER A 209 -14.02 -22.66 -9.23
C SER A 209 -14.50 -23.57 -8.11
N THR A 210 -15.53 -24.36 -8.42
CA THR A 210 -16.07 -25.35 -7.50
C THR A 210 -15.89 -26.77 -8.03
N ARG A 211 -14.81 -27.00 -8.81
CA ARG A 211 -14.47 -28.33 -9.39
C ARG A 211 -13.75 -29.16 -8.32
N ASN A 212 -14.45 -29.45 -7.21
CA ASN A 212 -13.87 -30.14 -6.06
C ASN A 212 -13.41 -31.56 -6.36
N ASP A 213 -14.04 -32.21 -7.34
CA ASP A 213 -13.70 -33.58 -7.67
C ASP A 213 -12.43 -33.72 -8.51
N GLU A 214 -12.00 -32.65 -9.18
CA GLU A 214 -10.79 -32.64 -10.01
C GLU A 214 -10.01 -31.33 -9.85
N PRO A 215 -9.41 -31.07 -8.66
CA PRO A 215 -8.78 -29.79 -8.38
C PRO A 215 -7.69 -29.38 -9.38
N THR A 216 -6.91 -30.33 -9.91
CA THR A 216 -5.81 -30.01 -10.81
C THR A 216 -6.27 -29.52 -12.18
N ARG A 217 -7.55 -29.77 -12.49
CA ARG A 217 -8.18 -29.37 -13.78
C ARG A 217 -9.03 -28.11 -13.59
N ALA A 218 -9.13 -27.58 -12.36
CA ALA A 218 -10.02 -26.46 -12.06
C ALA A 218 -9.58 -25.17 -12.76
N SER A 219 -8.28 -24.87 -12.67
CA SER A 219 -7.73 -23.66 -13.26
C SER A 219 -7.44 -23.94 -14.73
N ARG A 220 -8.26 -23.34 -15.60
CA ARG A 220 -8.23 -23.66 -17.05
C ARG A 220 -8.49 -22.39 -17.85
N PRO A 221 -7.55 -21.42 -17.81
CA PRO A 221 -7.73 -20.12 -18.48
C PRO A 221 -8.05 -20.29 -19.97
N TRP A 222 -9.03 -19.53 -20.46
CA TRP A 222 -9.49 -19.53 -21.85
C TRP A 222 -10.20 -20.81 -22.32
N ASP A 223 -10.32 -21.80 -21.43
CA ASP A 223 -11.02 -23.03 -21.76
C ASP A 223 -12.51 -22.80 -21.61
N ARG A 224 -13.30 -23.43 -22.50
CA ARG A 224 -14.75 -23.20 -22.57
C ARG A 224 -15.43 -23.68 -21.28
N ASP A 225 -14.81 -24.59 -20.51
CA ASP A 225 -15.43 -25.11 -19.29
C ASP A 225 -14.94 -24.45 -17.99
N ARG A 226 -14.21 -23.33 -18.10
CA ARG A 226 -13.70 -22.60 -16.91
C ARG A 226 -14.89 -22.08 -16.09
N ASP A 227 -14.73 -22.02 -14.77
CA ASP A 227 -15.79 -21.65 -13.84
C ASP A 227 -15.29 -20.86 -12.62
N GLY A 228 -14.25 -20.05 -12.79
CA GLY A 228 -13.73 -19.20 -11.73
C GLY A 228 -12.30 -19.54 -11.33
N PHE A 229 -11.70 -18.67 -10.51
CA PHE A 229 -10.28 -18.79 -10.18
C PHE A 229 -10.05 -19.77 -9.04
N VAL A 230 -8.78 -20.18 -8.91
CA VAL A 230 -8.32 -21.08 -7.86
C VAL A 230 -7.44 -20.26 -6.94
N LEU A 231 -7.76 -20.29 -5.64
CA LEU A 231 -7.07 -19.50 -4.63
C LEU A 231 -5.76 -20.17 -4.22
N SER A 232 -4.67 -19.39 -4.27
CA SER A 232 -3.34 -19.92 -3.95
C SER A 232 -2.55 -18.98 -3.07
N ASP A 233 -1.53 -19.55 -2.42
CA ASP A 233 -0.71 -18.86 -1.44
C ASP A 233 0.74 -18.82 -1.91
N GLY A 234 1.50 -17.85 -1.41
CA GLY A 234 2.92 -17.80 -1.65
C GLY A 234 3.47 -16.39 -1.72
N SER A 235 4.62 -16.26 -2.41
CA SER A 235 5.35 -15.02 -2.44
C SER A 235 6.37 -15.01 -3.56
N GLY A 236 6.67 -13.80 -4.04
CA GLY A 236 7.74 -13.61 -5.00
C GLY A 236 8.45 -12.33 -4.63
N ALA A 237 9.78 -12.32 -4.80
CA ALA A 237 10.58 -11.12 -4.61
C ALA A 237 11.67 -11.05 -5.65
N LEU A 238 11.96 -9.82 -6.08
CA LEU A 238 13.03 -9.54 -7.02
CA LEU A 238 13.03 -9.53 -7.02
C LEU A 238 13.95 -8.49 -6.41
N VAL A 239 15.25 -8.65 -6.63
CA VAL A 239 16.22 -7.63 -6.34
C VAL A 239 16.38 -6.84 -7.65
N LEU A 240 15.90 -5.60 -7.62
CA LEU A 240 16.05 -4.65 -8.73
CA LEU A 240 16.04 -4.65 -8.72
C LEU A 240 17.25 -3.79 -8.41
N GLU A 241 18.03 -3.47 -9.44
CA GLU A 241 19.30 -2.79 -9.25
C GLU A 241 19.62 -1.86 -10.41
N GLU A 242 20.16 -0.69 -10.10
CA GLU A 242 20.61 0.24 -11.14
C GLU A 242 21.75 -0.45 -11.91
N LEU A 243 21.75 -0.28 -13.24
CA LEU A 243 22.64 -1.04 -14.13
C LEU A 243 24.12 -0.88 -13.78
N GLU A 244 24.58 0.37 -13.64
CA GLU A 244 25.99 0.64 -13.36
C GLU A 244 26.41 0.09 -12.00
N HIS A 245 25.50 0.16 -11.03
CA HIS A 245 25.71 -0.42 -9.70
C HIS A 245 25.91 -1.93 -9.80
N ALA A 246 25.05 -2.58 -10.61
CA ALA A 246 25.13 -4.02 -10.82
C ALA A 246 26.46 -4.40 -11.48
N ARG A 247 26.83 -3.66 -12.54
CA ARG A 247 28.08 -3.88 -13.32
C ARG A 247 29.30 -3.70 -12.41
N ALA A 248 29.29 -2.66 -11.57
CA ALA A 248 30.41 -2.31 -10.70
C ALA A 248 30.80 -3.43 -9.75
N ARG A 249 29.81 -4.20 -9.26
CA ARG A 249 30.04 -5.29 -8.29
C ARG A 249 30.08 -6.66 -9.01
N GLY A 250 30.03 -6.67 -10.34
CA GLY A 250 30.03 -7.91 -11.11
C GLY A 250 28.83 -8.81 -10.85
N ALA A 251 27.65 -8.20 -10.68
CA ALA A 251 26.41 -8.96 -10.46
C ALA A 251 26.03 -9.75 -11.70
N ARG A 252 25.42 -10.91 -11.48
CA ARG A 252 24.73 -11.68 -12.56
CA ARG A 252 24.73 -11.68 -12.56
C ARG A 252 23.39 -10.99 -12.84
N ILE A 253 23.18 -10.56 -14.09
CA ILE A 253 21.96 -9.87 -14.50
C ILE A 253 21.09 -10.85 -15.24
N TYR A 254 19.87 -11.08 -14.76
CA TYR A 254 18.87 -11.96 -15.41
C TYR A 254 18.26 -11.29 -16.64
N ALA A 255 17.90 -10.02 -16.51
CA ALA A 255 17.15 -9.30 -17.51
C ALA A 255 17.05 -7.85 -17.11
N GLU A 256 16.57 -7.03 -18.04
CA GLU A 256 16.35 -5.62 -17.82
C GLU A 256 14.84 -5.35 -17.72
N LEU A 257 14.47 -4.49 -16.77
CA LEU A 257 13.10 -4.01 -16.63
CA LEU A 257 13.11 -4.00 -16.64
C LEU A 257 13.05 -2.68 -17.39
N VAL A 258 12.39 -2.70 -18.55
CA VAL A 258 12.38 -1.54 -19.45
C VAL A 258 11.10 -0.72 -19.46
N GLY A 259 9.98 -1.29 -19.01
CA GLY A 259 8.70 -0.62 -19.09
C GLY A 259 7.76 -0.96 -17.95
N PHE A 260 6.97 0.04 -17.54
CA PHE A 260 5.97 -0.13 -16.51
C PHE A 260 4.78 0.77 -16.86
N GLY A 261 3.58 0.16 -16.88
CA GLY A 261 2.34 0.88 -17.12
C GLY A 261 1.36 0.62 -16.00
N MET A 262 0.55 1.63 -15.72
CA MET A 262 -0.59 1.55 -14.83
C MET A 262 -1.78 2.17 -15.57
N SER A 263 -2.98 1.75 -15.16
CA SER A 263 -4.21 2.40 -15.55
C SER A 263 -5.31 1.97 -14.60
N GLY A 264 -6.41 2.73 -14.62
CA GLY A 264 -7.65 2.37 -13.96
C GLY A 264 -8.73 2.17 -15.03
N ASP A 265 -9.52 1.10 -14.89
CA ASP A 265 -10.65 0.83 -15.79
C ASP A 265 -11.74 1.87 -15.60
N ALA A 266 -11.95 2.31 -14.34
CA ALA A 266 -13.08 3.15 -13.95
C ALA A 266 -14.41 2.57 -14.43
N PHE A 267 -14.58 1.26 -14.25
CA PHE A 267 -15.70 0.52 -14.82
C PHE A 267 -16.55 -0.14 -13.72
N HIS A 268 -15.97 -1.10 -13.03
CA HIS A 268 -16.71 -1.89 -12.00
C HIS A 268 -15.73 -2.36 -10.93
N MET A 269 -16.26 -2.59 -9.74
CA MET A 269 -15.43 -2.95 -8.58
CA MET A 269 -15.45 -2.96 -8.58
C MET A 269 -14.77 -4.34 -8.71
N THR A 270 -15.46 -5.30 -9.31
CA THR A 270 -14.97 -6.68 -9.40
C THR A 270 -14.98 -7.37 -10.77
N ALA A 271 -15.40 -6.66 -11.80
CA ALA A 271 -15.46 -7.21 -13.15
C ALA A 271 -14.73 -6.27 -14.09
N PRO A 272 -13.88 -6.78 -15.02
CA PRO A 272 -13.29 -5.94 -16.05
C PRO A 272 -14.29 -5.69 -17.17
N PRO A 273 -14.12 -4.61 -17.96
CA PRO A 273 -14.95 -4.41 -19.14
C PRO A 273 -14.66 -5.51 -20.16
N GLU A 274 -15.69 -5.97 -20.89
CA GLU A 274 -15.58 -7.09 -21.81
C GLU A 274 -14.53 -6.84 -22.89
N ASP A 275 -14.37 -5.58 -23.30
CA ASP A 275 -13.43 -5.20 -24.36
C ASP A 275 -11.99 -4.98 -23.87
N GLY A 276 -11.77 -5.08 -22.55
CA GLY A 276 -10.45 -4.92 -21.95
C GLY A 276 -9.79 -3.57 -22.19
N ALA A 277 -10.60 -2.50 -22.30
CA ALA A 277 -10.11 -1.16 -22.60
C ALA A 277 -9.03 -0.67 -21.63
N GLY A 278 -9.23 -0.88 -20.33
CA GLY A 278 -8.27 -0.44 -19.34
C GLY A 278 -6.95 -1.18 -19.41
N ALA A 279 -7.03 -2.49 -19.58
CA ALA A 279 -5.85 -3.34 -19.77
C ALA A 279 -5.07 -2.92 -21.01
N ALA A 280 -5.78 -2.61 -22.10
CA ALA A 280 -5.17 -2.13 -23.34
C ALA A 280 -4.41 -0.83 -23.09
N ARG A 281 -5.01 0.14 -22.40
CA ARG A 281 -4.34 1.43 -22.08
CA ARG A 281 -4.35 1.45 -22.06
C ARG A 281 -3.09 1.17 -21.24
N CYS A 282 -3.19 0.25 -20.27
CA CYS A 282 -2.09 -0.09 -19.40
C CYS A 282 -0.90 -0.65 -20.19
N MET A 283 -1.17 -1.64 -21.06
CA MET A 283 -0.13 -2.25 -21.88
C MET A 283 0.52 -1.22 -22.81
N LYS A 284 -0.29 -0.34 -23.42
CA LYS A 284 0.23 0.70 -24.31
C LYS A 284 1.12 1.68 -23.56
N ASN A 285 0.71 2.07 -22.34
CA ASN A 285 1.55 2.90 -21.47
CA ASN A 285 1.55 2.90 -21.47
C ASN A 285 2.91 2.25 -21.21
N ALA A 286 2.89 0.94 -20.92
CA ALA A 286 4.11 0.18 -20.62
C ALA A 286 5.02 0.08 -21.86
N LEU A 287 4.44 -0.18 -23.03
CA LEU A 287 5.22 -0.29 -24.28
C LEU A 287 5.87 1.03 -24.68
N ARG A 288 5.10 2.13 -24.57
CA ARG A 288 5.60 3.49 -24.85
C ARG A 288 6.67 3.86 -23.82
N ASP A 289 6.47 3.49 -22.54
CA ASP A 289 7.48 3.69 -21.50
C ASP A 289 8.82 3.05 -21.87
N ALA A 290 8.74 1.87 -22.47
CA ALA A 290 9.90 1.09 -22.91
C ALA A 290 10.47 1.50 -24.27
N GLY A 291 9.80 2.41 -24.97
CA GLY A 291 10.20 2.86 -26.29
C GLY A 291 10.14 1.76 -27.33
N LEU A 292 9.13 0.89 -27.23
CA LEU A 292 9.03 -0.28 -28.09
C LEU A 292 7.94 -0.18 -29.16
N ASP A 293 8.18 -0.84 -30.28
CA ASP A 293 7.17 -1.20 -31.27
C ASP A 293 6.46 -2.40 -30.67
N PRO A 294 5.11 -2.46 -30.67
CA PRO A 294 4.40 -3.65 -30.17
C PRO A 294 4.88 -4.97 -30.79
N ARG A 295 5.37 -4.94 -32.03
CA ARG A 295 5.86 -6.14 -32.76
C ARG A 295 7.13 -6.70 -32.10
N GLN A 296 7.76 -5.97 -31.19
CA GLN A 296 8.91 -6.46 -30.48
C GLN A 296 8.55 -7.44 -29.34
N VAL A 297 7.28 -7.46 -28.92
CA VAL A 297 6.84 -8.37 -27.85
C VAL A 297 6.72 -9.81 -28.37
N ASP A 298 7.44 -10.72 -27.70
CA ASP A 298 7.46 -12.14 -28.04
C ASP A 298 6.63 -13.01 -27.11
N TYR A 299 6.56 -12.64 -25.83
CA TYR A 299 5.86 -13.46 -24.81
C TYR A 299 5.06 -12.55 -23.87
N ILE A 300 3.82 -12.95 -23.56
CA ILE A 300 3.01 -12.29 -22.55
C ILE A 300 2.64 -13.33 -21.50
N ASN A 301 3.03 -13.08 -20.25
CA ASN A 301 2.48 -13.82 -19.13
C ASN A 301 1.21 -13.13 -18.73
N ALA A 302 0.08 -13.74 -19.08
CA ALA A 302 -1.23 -13.11 -18.91
C ALA A 302 -1.62 -13.12 -17.45
N HIS A 303 -2.55 -12.24 -17.09
CA HIS A 303 -3.17 -12.30 -15.80
C HIS A 303 -3.94 -13.63 -15.72
N GLY A 304 -4.74 -13.91 -16.76
CA GLY A 304 -5.34 -15.22 -17.03
C GLY A 304 -5.83 -16.06 -15.84
N THR A 305 -6.88 -15.59 -15.17
CA THR A 305 -7.32 -16.12 -13.88
C THR A 305 -8.26 -17.33 -13.96
N SER A 306 -8.80 -17.63 -15.16
CA SER A 306 -9.77 -18.72 -15.36
C SER A 306 -11.19 -18.30 -14.96
N THR A 307 -11.44 -16.98 -15.02
CA THR A 307 -12.79 -16.44 -14.88
C THR A 307 -13.36 -16.25 -16.29
N PRO A 308 -14.67 -16.48 -16.51
CA PRO A 308 -15.29 -16.22 -17.81
C PRO A 308 -15.02 -14.81 -18.37
N ALA A 309 -15.34 -13.76 -17.61
CA ALA A 309 -15.23 -12.38 -18.11
C ALA A 309 -13.77 -11.92 -18.25
N GLY A 310 -12.95 -12.26 -17.26
CA GLY A 310 -11.56 -11.84 -17.21
C GLY A 310 -10.75 -12.34 -18.39
N ASP A 311 -10.83 -13.64 -18.68
CA ASP A 311 -9.99 -14.28 -19.70
C ASP A 311 -10.27 -13.69 -21.09
N ILE A 312 -11.55 -13.51 -21.41
CA ILE A 312 -11.94 -12.98 -22.72
C ILE A 312 -11.54 -11.50 -22.88
N ALA A 313 -11.66 -10.73 -21.79
CA ALA A 313 -11.22 -9.32 -21.76
C ALA A 313 -9.75 -9.17 -22.12
N GLU A 314 -8.93 -10.09 -21.64
CA GLU A 314 -7.47 -10.02 -21.90
C GLU A 314 -7.18 -10.30 -23.38
N ILE A 315 -7.88 -11.28 -23.94
CA ILE A 315 -7.71 -11.57 -25.37
C ILE A 315 -8.03 -10.30 -26.16
N ALA A 316 -9.17 -9.68 -25.84
CA ALA A 316 -9.59 -8.46 -26.52
C ALA A 316 -8.55 -7.34 -26.39
N ALA A 317 -8.00 -7.18 -25.18
CA ALA A 317 -6.99 -6.15 -24.90
C ALA A 317 -5.73 -6.39 -25.73
N VAL A 318 -5.27 -7.63 -25.78
CA VAL A 318 -4.10 -8.01 -26.56
C VAL A 318 -4.31 -7.80 -28.06
N LYS A 319 -5.49 -8.15 -28.57
CA LYS A 319 -5.80 -7.91 -29.97
C LYS A 319 -5.81 -6.41 -30.28
N SER A 320 -6.35 -5.61 -29.37
CA SER A 320 -6.38 -4.15 -29.53
CA SER A 320 -6.38 -4.15 -29.53
C SER A 320 -4.98 -3.55 -29.57
N VAL A 321 -4.11 -3.98 -28.66
CA VAL A 321 -2.78 -3.43 -28.54
C VAL A 321 -1.85 -3.88 -29.68
N PHE A 322 -1.94 -5.15 -30.06
CA PHE A 322 -0.95 -5.76 -30.94
C PHE A 322 -1.38 -5.99 -32.39
N GLY A 323 -2.68 -5.82 -32.67
CA GLY A 323 -3.22 -6.05 -34.01
C GLY A 323 -2.87 -7.45 -34.52
N GLU A 324 -2.41 -7.54 -35.77
CA GLU A 324 -2.02 -8.82 -36.36
C GLU A 324 -0.86 -9.50 -35.64
N HIS A 325 -0.01 -8.70 -35.00
CA HIS A 325 1.09 -9.26 -34.21
C HIS A 325 0.60 -10.10 -33.03
N ALA A 326 -0.65 -9.88 -32.60
CA ALA A 326 -1.27 -10.73 -31.58
C ALA A 326 -1.19 -12.22 -31.92
N HIS A 327 -1.16 -12.55 -33.23
CA HIS A 327 -1.04 -13.94 -33.68
C HIS A 327 0.39 -14.49 -33.76
N ALA A 328 1.39 -13.61 -33.60
CA ALA A 328 2.80 -13.99 -33.69
C ALA A 328 3.44 -14.19 -32.31
N LEU A 329 3.02 -13.40 -31.33
CA LEU A 329 3.48 -13.55 -29.97
C LEU A 329 2.87 -14.82 -29.34
N SER A 330 3.46 -15.25 -28.22
CA SER A 330 2.94 -16.34 -27.42
C SER A 330 2.45 -15.74 -26.11
N MET A 331 1.28 -16.17 -25.67
CA MET A 331 0.70 -15.73 -24.40
C MET A 331 0.29 -16.96 -23.60
N SER A 332 0.64 -16.99 -22.33
CA SER A 332 0.21 -18.08 -21.49
C SER A 332 -0.13 -17.61 -20.10
N SER A 333 -0.94 -18.42 -19.41
CA SER A 333 -1.23 -18.21 -18.02
C SER A 333 -0.66 -19.34 -17.20
N THR A 334 0.32 -18.98 -16.36
CA THR A 334 0.89 -19.90 -15.42
C THR A 334 -0.03 -20.17 -14.21
N LYS A 335 -1.10 -19.37 -14.08
CA LYS A 335 -2.15 -19.64 -13.10
C LYS A 335 -2.85 -20.97 -13.36
N SER A 336 -2.76 -21.45 -14.61
CA SER A 336 -3.25 -22.79 -14.94
C SER A 336 -2.61 -23.87 -14.03
N MET A 337 -1.38 -23.60 -13.57
CA MET A 337 -0.61 -24.52 -12.72
C MET A 337 -0.50 -24.08 -11.25
N THR A 338 -0.31 -22.78 -11.02
CA THR A 338 -0.07 -22.23 -9.69
C THR A 338 -1.36 -21.83 -8.98
N GLY A 339 -2.45 -21.67 -9.74
CA GLY A 339 -3.60 -20.93 -9.27
C GLY A 339 -3.27 -19.45 -9.12
N HIS A 340 -4.17 -18.73 -8.44
CA HIS A 340 -4.13 -17.27 -8.34
C HIS A 340 -3.60 -16.87 -6.98
N LEU A 341 -2.37 -16.36 -6.94
CA LEU A 341 -1.71 -15.96 -5.69
C LEU A 341 -2.08 -14.55 -5.24
N LEU A 342 -3.10 -13.96 -5.87
CA LEU A 342 -3.66 -12.67 -5.51
C LEU A 342 -2.57 -11.60 -5.53
N GLY A 343 -2.27 -10.99 -4.37
CA GLY A 343 -1.24 -9.96 -4.30
C GLY A 343 0.16 -10.40 -4.73
N ALA A 344 0.44 -11.70 -4.57
CA ALA A 344 1.72 -12.29 -4.96
C ALA A 344 1.77 -12.73 -6.43
N ALA A 345 0.60 -12.75 -7.09
CA ALA A 345 0.50 -13.23 -8.48
C ALA A 345 1.46 -12.50 -9.40
N GLY A 346 1.44 -11.17 -9.37
CA GLY A 346 2.32 -10.36 -10.19
C GLY A 346 3.81 -10.56 -9.92
N ALA A 347 4.14 -10.90 -8.67
CA ALA A 347 5.53 -11.10 -8.28
C ALA A 347 6.05 -12.42 -8.83
N VAL A 348 5.32 -13.51 -8.61
CA VAL A 348 5.75 -14.81 -9.13
C VAL A 348 5.73 -14.82 -10.66
N GLU A 349 4.76 -14.13 -11.26
CA GLU A 349 4.65 -14.09 -12.72
C GLU A 349 5.71 -13.20 -13.38
N ALA A 350 6.17 -12.16 -12.66
CA ALA A 350 7.34 -11.38 -13.08
C ALA A 350 8.57 -12.29 -13.14
N ILE A 351 8.72 -13.12 -12.10
CA ILE A 351 9.82 -14.09 -12.05
C ILE A 351 9.76 -15.05 -13.22
N PHE A 352 8.57 -15.62 -13.48
CA PHE A 352 8.38 -16.53 -14.62
C PHE A 352 8.69 -15.86 -15.96
N SER A 353 8.35 -14.58 -16.11
CA SER A 353 8.63 -13.83 -17.33
C SER A 353 10.15 -13.65 -17.51
N VAL A 354 10.84 -13.35 -16.41
CA VAL A 354 12.30 -13.23 -16.42
C VAL A 354 12.96 -14.56 -16.79
N LEU A 355 12.45 -15.67 -16.25
CA LEU A 355 12.97 -16.99 -16.56
C LEU A 355 12.66 -17.44 -17.99
N ALA A 356 11.52 -17.00 -18.51
CA ALA A 356 11.18 -17.20 -19.92
C ALA A 356 12.24 -16.57 -20.82
N LEU A 357 12.71 -15.38 -20.44
CA LEU A 357 13.82 -14.72 -21.14
C LEU A 357 15.13 -15.49 -20.99
N ARG A 358 15.47 -15.90 -19.76
CA ARG A 358 16.72 -16.64 -19.47
C ARG A 358 16.75 -17.94 -20.29
N ASP A 359 15.64 -18.69 -20.28
CA ASP A 359 15.63 -20.03 -20.85
C ASP A 359 15.07 -20.10 -22.25
N GLN A 360 14.60 -18.96 -22.78
CA GLN A 360 14.05 -18.87 -24.13
C GLN A 360 12.96 -19.92 -24.32
N VAL A 361 11.94 -19.86 -23.46
CA VAL A 361 10.85 -20.81 -23.44
C VAL A 361 9.58 -20.14 -22.93
N ALA A 362 8.46 -20.37 -23.63
CA ALA A 362 7.14 -19.93 -23.19
C ALA A 362 6.54 -21.01 -22.29
N PRO A 363 6.25 -20.72 -21.01
CA PRO A 363 5.53 -21.66 -20.14
C PRO A 363 4.16 -22.01 -20.70
N PRO A 364 3.64 -23.23 -20.43
CA PRO A 364 2.34 -23.64 -20.97
C PRO A 364 1.14 -23.04 -20.22
N THR A 365 0.00 -22.98 -20.91
CA THR A 365 -1.29 -22.90 -20.26
C THR A 365 -1.81 -24.33 -20.23
N ILE A 366 -1.73 -24.99 -19.07
CA ILE A 366 -2.27 -26.33 -18.96
C ILE A 366 -3.81 -26.27 -18.86
N ASN A 367 -4.45 -27.43 -19.08
CA ASN A 367 -5.90 -27.58 -19.03
C ASN A 367 -6.69 -26.90 -20.16
N LEU A 368 -5.99 -26.36 -21.16
CA LEU A 368 -6.64 -25.64 -22.26
C LEU A 368 -7.03 -26.66 -23.32
N ASP A 369 -8.05 -27.47 -22.99
CA ASP A 369 -8.48 -28.59 -23.81
C ASP A 369 -9.30 -28.11 -25.01
N ASN A 370 -10.21 -27.16 -24.75
CA ASN A 370 -11.10 -26.60 -25.75
CA ASN A 370 -11.09 -26.60 -25.77
C ASN A 370 -11.18 -25.09 -25.63
N PRO A 371 -10.31 -24.34 -26.35
CA PRO A 371 -10.33 -22.87 -26.33
C PRO A 371 -11.74 -22.31 -26.60
N ASP A 372 -12.14 -21.31 -25.81
CA ASP A 372 -13.47 -20.73 -25.92
C ASP A 372 -13.53 -19.87 -27.19
N GLU A 373 -14.75 -19.42 -27.54
CA GLU A 373 -14.97 -18.54 -28.69
C GLU A 373 -14.09 -17.31 -28.59
N GLY A 374 -13.37 -17.00 -29.68
CA GLY A 374 -12.54 -15.83 -29.78
C GLY A 374 -11.14 -15.96 -29.16
N CYS A 375 -10.89 -17.08 -28.48
CA CYS A 375 -9.62 -17.32 -27.80
C CYS A 375 -8.69 -18.08 -28.73
N ASP A 376 -8.34 -17.44 -29.85
CA ASP A 376 -7.67 -18.09 -30.98
C ASP A 376 -6.21 -17.67 -31.18
N LEU A 377 -5.61 -17.11 -30.13
CA LEU A 377 -4.19 -16.77 -30.15
C LEU A 377 -3.33 -17.99 -29.82
N ASP A 378 -2.01 -17.84 -29.89
CA ASP A 378 -1.09 -18.86 -29.42
C ASP A 378 -1.03 -18.77 -27.90
N LEU A 379 -1.80 -19.64 -27.24
CA LEU A 379 -1.93 -19.66 -25.79
C LEU A 379 -1.06 -20.74 -25.14
N VAL A 380 -0.15 -21.32 -25.94
CA VAL A 380 0.84 -22.30 -25.48
C VAL A 380 0.12 -23.42 -24.72
N ALA A 381 -0.92 -23.98 -25.35
CA ALA A 381 -1.71 -25.02 -24.73
C ALA A 381 -0.84 -26.24 -24.40
N HIS A 382 -0.99 -26.72 -23.16
CA HIS A 382 -0.51 -28.04 -22.69
C HIS A 382 0.97 -28.18 -22.36
N GLU A 383 1.86 -27.71 -23.25
CA GLU A 383 3.29 -27.95 -23.14
C GLU A 383 4.10 -26.69 -23.37
N ALA A 384 5.18 -26.55 -22.58
CA ALA A 384 6.15 -25.47 -22.74
C ALA A 384 6.64 -25.45 -24.17
N LYS A 385 6.86 -24.24 -24.70
CA LYS A 385 7.29 -24.07 -26.07
C LYS A 385 8.58 -23.25 -26.14
N PRO A 386 9.75 -23.89 -26.39
CA PRO A 386 10.96 -23.16 -26.71
C PRO A 386 10.74 -22.25 -27.93
N ARG A 387 11.12 -20.99 -27.81
CA ARG A 387 11.02 -19.98 -28.90
C ARG A 387 11.93 -18.80 -28.57
N LYS A 388 12.20 -17.95 -29.56
CA LYS A 388 12.95 -16.73 -29.37
C LYS A 388 12.08 -15.74 -28.57
N ILE A 389 12.64 -15.23 -27.47
CA ILE A 389 11.97 -14.26 -26.63
C ILE A 389 12.98 -13.18 -26.28
N ASP A 390 12.84 -12.00 -26.91
CA ASP A 390 13.64 -10.83 -26.57
C ASP A 390 12.93 -9.91 -25.58
N VAL A 391 11.60 -9.84 -25.70
CA VAL A 391 10.78 -8.98 -24.85
C VAL A 391 9.61 -9.79 -24.30
N ALA A 392 9.45 -9.72 -22.98
CA ALA A 392 8.37 -10.37 -22.27
C ALA A 392 7.59 -9.37 -21.45
N LEU A 393 6.26 -9.51 -21.47
CA LEU A 393 5.33 -8.64 -20.80
C LEU A 393 4.56 -9.45 -19.75
N SER A 394 4.35 -8.85 -18.58
CA SER A 394 3.55 -9.47 -17.53
C SER A 394 2.43 -8.50 -17.12
N ASN A 395 1.19 -9.01 -17.19
CA ASN A 395 -0.02 -8.24 -16.88
C ASN A 395 -0.68 -8.68 -15.58
N SER A 396 -1.25 -7.71 -14.86
CA SER A 396 -2.08 -7.97 -13.68
C SER A 396 -3.21 -6.98 -13.68
N PHE A 397 -4.42 -7.46 -13.40
CA PHE A 397 -5.62 -6.63 -13.24
C PHE A 397 -6.27 -7.03 -11.93
N GLY A 398 -6.89 -6.06 -11.25
CA GLY A 398 -7.41 -6.29 -9.91
C GLY A 398 -8.67 -5.54 -9.61
N PHE A 399 -9.30 -5.93 -8.49
CA PHE A 399 -10.48 -5.28 -7.96
C PHE A 399 -10.24 -3.78 -7.90
N GLY A 400 -11.30 -3.02 -8.19
CA GLY A 400 -11.22 -1.58 -8.32
C GLY A 400 -10.86 -1.16 -9.74
N GLY A 401 -10.61 -2.13 -10.62
CA GLY A 401 -10.20 -1.88 -11.99
C GLY A 401 -8.77 -1.36 -12.08
N THR A 402 -7.92 -1.81 -11.17
CA THR A 402 -6.54 -1.35 -11.13
C THR A 402 -5.69 -2.30 -11.98
N ASN A 403 -4.94 -1.73 -12.94
CA ASN A 403 -4.14 -2.48 -13.89
C ASN A 403 -2.66 -2.14 -13.80
N GLY A 404 -1.82 -3.16 -14.03
CA GLY A 404 -0.39 -3.00 -14.11
C GLY A 404 0.19 -3.91 -15.17
N THR A 405 1.20 -3.39 -15.87
CA THR A 405 1.97 -4.14 -16.86
C THR A 405 3.45 -3.87 -16.66
N LEU A 406 4.25 -4.95 -16.66
CA LEU A 406 5.71 -4.87 -16.66
C LEU A 406 6.25 -5.39 -17.97
N VAL A 407 7.29 -4.72 -18.48
CA VAL A 407 7.98 -5.13 -19.69
C VAL A 407 9.45 -5.40 -19.35
N PHE A 408 9.87 -6.63 -19.62
CA PHE A 408 11.23 -7.07 -19.41
C PHE A 408 11.85 -7.38 -20.77
N ARG A 409 13.18 -7.25 -20.85
CA ARG A 409 13.96 -7.46 -22.09
C ARG A 409 15.26 -8.20 -21.76
N ARG A 410 15.74 -9.05 -22.67
CA ARG A 410 17.07 -9.70 -22.55
C ARG A 410 18.12 -8.59 -22.36
N PHE A 411 19.08 -8.80 -21.48
CA PHE A 411 20.16 -7.85 -21.32
C PHE A 411 21.44 -8.39 -21.97
N ALA A 412 22.08 -7.55 -22.79
CA ALA A 412 23.33 -7.86 -23.49
C ALA A 412 24.52 -7.12 -22.85
N ARG B 2 11.70 17.94 -14.20
CA ARG B 2 10.69 17.61 -13.16
C ARG B 2 9.68 18.76 -13.02
N ARG B 3 8.38 18.45 -13.10
CA ARG B 3 7.29 19.44 -13.10
C ARG B 3 6.92 19.78 -11.65
N ARG B 4 6.39 21.00 -11.45
CA ARG B 4 6.02 21.52 -10.12
C ARG B 4 4.60 21.04 -9.78
N VAL B 5 4.37 20.82 -8.49
CA VAL B 5 3.15 20.23 -7.98
C VAL B 5 2.57 21.14 -6.93
N VAL B 6 1.29 21.49 -7.11
CA VAL B 6 0.57 22.33 -6.17
C VAL B 6 -0.67 21.62 -5.64
N ILE B 7 -1.19 22.17 -4.53
CA ILE B 7 -2.37 21.66 -3.86
C ILE B 7 -3.52 22.58 -4.21
N THR B 8 -4.57 22.03 -4.83
CA THR B 8 -5.70 22.83 -5.31
C THR B 8 -7.04 22.48 -4.65
N GLY B 9 -7.06 21.42 -3.84
CA GLY B 9 -8.26 21.01 -3.13
C GLY B 9 -7.91 20.15 -1.93
N MET B 10 -8.72 20.24 -0.87
CA MET B 10 -8.50 19.47 0.34
C MET B 10 -9.84 19.04 0.92
N GLY B 11 -9.84 17.88 1.57
CA GLY B 11 -11.00 17.34 2.24
C GLY B 11 -10.59 16.55 3.45
N MET B 12 -11.49 16.43 4.43
CA MET B 12 -11.16 15.82 5.70
C MET B 12 -12.39 15.40 6.50
N LEU B 13 -12.26 14.27 7.20
CA LEU B 13 -13.07 13.94 8.37
C LEU B 13 -12.12 13.74 9.53
N SER B 14 -12.41 14.37 10.67
CA SER B 14 -11.55 14.23 11.83
C SER B 14 -12.39 14.28 13.10
N PRO B 15 -11.78 13.97 14.27
CA PRO B 15 -12.47 14.18 15.55
C PRO B 15 -12.85 15.64 15.84
N LEU B 16 -12.29 16.60 15.10
CA LEU B 16 -12.61 18.02 15.28
C LEU B 16 -13.66 18.54 14.31
N GLY B 17 -14.01 17.76 13.29
CA GLY B 17 -14.99 18.23 12.32
C GLY B 17 -15.18 17.36 11.09
N LEU B 18 -16.29 17.61 10.40
CA LEU B 18 -16.69 16.84 9.22
C LEU B 18 -16.20 17.44 7.90
N ASP B 19 -15.36 18.48 8.00
CA ASP B 19 -14.68 19.04 6.83
C ASP B 19 -13.43 19.79 7.27
N VAL B 20 -12.70 20.33 6.30
CA VAL B 20 -11.47 21.06 6.58
C VAL B 20 -11.66 22.31 7.44
N PRO B 21 -12.52 23.27 7.04
N PRO B 21 -12.50 23.29 7.04
CA PRO B 21 -12.67 24.51 7.81
CA PRO B 21 -12.66 24.52 7.81
C PRO B 21 -13.06 24.29 9.27
C PRO B 21 -13.08 24.30 9.28
N SER B 22 -14.00 23.37 9.53
CA SER B 22 -14.44 23.08 10.89
C SER B 22 -13.30 22.46 11.74
N SER B 23 -12.54 21.54 11.13
CA SER B 23 -11.39 20.91 11.79
C SER B 23 -10.32 21.96 12.14
N TRP B 24 -10.00 22.81 11.16
CA TRP B 24 -8.98 23.85 11.32
C TRP B 24 -9.37 24.87 12.38
N GLU B 25 -10.66 25.21 12.45
CA GLU B 25 -11.17 26.09 13.50
C GLU B 25 -10.83 25.49 14.88
N GLY B 26 -11.06 24.19 15.04
CA GLY B 26 -10.76 23.48 16.28
C GLY B 26 -9.26 23.52 16.60
N ILE B 27 -8.44 23.25 15.58
CA ILE B 27 -6.99 23.25 15.73
C ILE B 27 -6.52 24.61 16.29
N LEU B 28 -6.96 25.70 15.66
CA LEU B 28 -6.51 27.02 16.03
C LEU B 28 -7.03 27.47 17.41
N ALA B 29 -8.16 26.91 17.82
CA ALA B 29 -8.73 27.18 19.14
C ALA B 29 -8.16 26.29 20.26
N GLY B 30 -7.28 25.35 19.91
CA GLY B 30 -6.75 24.38 20.87
C GLY B 30 -7.77 23.41 21.42
N ARG B 31 -8.80 23.09 20.64
N ARG B 31 -8.77 23.08 20.61
CA ARG B 31 -9.93 22.22 21.03
CA ARG B 31 -9.92 22.20 20.98
C ARG B 31 -9.49 20.75 20.92
C ARG B 31 -9.44 20.75 20.94
N SER B 32 -9.88 19.93 21.90
CA SER B 32 -9.66 18.49 21.85
C SER B 32 -10.85 17.86 21.17
N GLY B 33 -10.57 16.87 20.31
CA GLY B 33 -11.59 16.04 19.70
C GLY B 33 -11.76 14.69 20.38
N ILE B 34 -11.17 14.54 21.57
CA ILE B 34 -11.09 13.26 22.24
C ILE B 34 -12.18 13.15 23.30
N ALA B 35 -12.85 11.99 23.34
CA ALA B 35 -13.99 11.78 24.21
C ALA B 35 -14.20 10.29 24.45
N PRO B 36 -14.93 9.91 25.52
CA PRO B 36 -15.34 8.52 25.70
C PRO B 36 -16.01 8.00 24.43
N ILE B 37 -15.64 6.79 24.01
CA ILE B 37 -16.19 6.17 22.83
C ILE B 37 -17.61 5.71 23.14
N GLU B 38 -18.54 6.08 22.25
CA GLU B 38 -19.98 5.86 22.42
C GLU B 38 -20.52 4.70 21.58
N HIS B 39 -19.82 4.35 20.50
CA HIS B 39 -20.34 3.43 19.49
C HIS B 39 -20.15 1.95 19.82
N MET B 40 -19.42 1.67 20.90
CA MET B 40 -19.26 0.31 21.41
C MET B 40 -19.01 0.33 22.93
N ASP B 41 -19.15 -0.84 23.55
CA ASP B 41 -19.02 -1.00 24.98
C ASP B 41 -17.60 -1.38 25.38
N LEU B 42 -16.87 -0.42 25.96
CA LEU B 42 -15.48 -0.61 26.36
C LEU B 42 -15.29 -0.67 27.86
N SER B 43 -16.36 -1.00 28.60
CA SER B 43 -16.32 -0.99 30.07
CA SER B 43 -16.33 -1.01 30.07
C SER B 43 -15.20 -1.89 30.60
N ALA B 44 -14.97 -3.03 29.94
CA ALA B 44 -13.93 -3.99 30.37
C ALA B 44 -12.52 -3.73 29.82
N TYR B 45 -12.34 -2.66 29.04
CA TYR B 45 -11.06 -2.29 28.39
C TYR B 45 -10.32 -1.25 29.24
N SER B 46 -9.00 -1.22 29.13
CA SER B 46 -8.17 -0.28 29.89
C SER B 46 -8.18 1.13 29.30
N THR B 47 -8.57 1.25 28.03
CA THR B 47 -8.74 2.55 27.34
C THR B 47 -10.15 2.60 26.76
N ARG B 48 -10.91 3.65 27.11
CA ARG B 48 -12.36 3.74 26.83
C ARG B 48 -12.70 5.03 26.07
N PHE B 49 -11.67 5.72 25.55
CA PHE B 49 -11.84 6.98 24.86
C PHE B 49 -10.96 6.99 23.61
N GLY B 50 -11.19 7.99 22.77
CA GLY B 50 -10.48 8.15 21.52
C GLY B 50 -11.07 9.29 20.74
N GLY B 51 -10.58 9.47 19.52
CA GLY B 51 -11.06 10.50 18.62
C GLY B 51 -11.98 9.87 17.58
N SER B 52 -13.29 10.07 17.78
CA SER B 52 -14.29 9.55 16.86
C SER B 52 -14.71 10.65 15.89
N VAL B 53 -15.14 10.26 14.69
CA VAL B 53 -15.81 11.16 13.78
C VAL B 53 -17.25 11.22 14.26
N LYS B 54 -17.74 12.43 14.54
CA LYS B 54 -19.07 12.63 15.15
C LYS B 54 -20.06 13.16 14.13
N GLY B 55 -21.19 12.44 13.98
CA GLY B 55 -22.28 12.84 13.10
C GLY B 55 -22.04 12.72 11.61
N PHE B 56 -21.16 11.78 11.22
CA PHE B 56 -20.89 11.49 9.82
C PHE B 56 -22.18 10.98 9.14
N ASN B 57 -22.52 11.61 8.01
CA ASN B 57 -23.69 11.23 7.23
CA ASN B 57 -23.69 11.28 7.20
C ASN B 57 -23.25 10.76 5.85
N VAL B 58 -23.07 9.44 5.72
CA VAL B 58 -22.56 8.85 4.49
C VAL B 58 -23.47 9.12 3.29
N GLU B 59 -24.76 9.36 3.56
CA GLU B 59 -25.76 9.59 2.50
C GLU B 59 -25.62 10.94 1.77
N GLU B 60 -24.80 11.83 2.32
CA GLU B 60 -24.34 13.01 1.58
C GLU B 60 -23.43 12.65 0.40
N TYR B 61 -22.85 11.44 0.42
CA TYR B 61 -21.82 11.00 -0.55
C TYR B 61 -22.29 9.80 -1.38
N LEU B 62 -22.92 8.83 -0.71
CA LEU B 62 -23.27 7.55 -1.30
C LEU B 62 -24.71 7.20 -1.01
N SER B 63 -25.29 6.35 -1.86
CA SER B 63 -26.57 5.73 -1.56
C SER B 63 -26.40 4.79 -0.37
N ALA B 64 -27.52 4.53 0.34
CA ALA B 64 -27.55 3.58 1.44
C ALA B 64 -27.03 2.22 1.00
N LYS B 65 -27.42 1.81 -0.20
CA LYS B 65 -27.02 0.54 -0.82
CA LYS B 65 -27.01 0.51 -0.72
C LYS B 65 -25.51 0.45 -1.02
N GLU B 66 -24.94 1.52 -1.57
CA GLU B 66 -23.50 1.62 -1.81
C GLU B 66 -22.77 1.58 -0.48
N ALA B 67 -23.29 2.32 0.51
CA ALA B 67 -22.65 2.45 1.82
C ALA B 67 -22.58 1.13 2.58
N ARG B 68 -23.63 0.32 2.46
CA ARG B 68 -23.74 -1.00 3.16
C ARG B 68 -22.65 -1.96 2.67
N LYS B 69 -22.15 -1.78 1.45
CA LYS B 69 -21.09 -2.62 0.90
C LYS B 69 -19.70 -2.26 1.44
N LEU B 70 -19.54 -1.05 1.99
CA LEU B 70 -18.23 -0.47 2.24
C LEU B 70 -17.93 -0.28 3.72
N ASP B 71 -16.74 -0.76 4.13
CA ASP B 71 -16.27 -0.56 5.50
C ASP B 71 -16.17 0.94 5.77
N LEU B 72 -16.32 1.32 7.04
CA LEU B 72 -16.21 2.71 7.45
C LEU B 72 -14.94 3.41 7.00
N PHE B 73 -13.79 2.71 7.00
CA PHE B 73 -12.55 3.38 6.57
C PHE B 73 -12.67 3.83 5.10
N ILE B 74 -13.37 3.03 4.29
CA ILE B 74 -13.59 3.37 2.88
C ILE B 74 -14.58 4.51 2.74
N GLN B 75 -15.64 4.47 3.54
CA GLN B 75 -16.61 5.59 3.57
C GLN B 75 -15.92 6.91 3.90
N TYR B 76 -15.05 6.90 4.92
CA TYR B 76 -14.30 8.10 5.38
C TYR B 76 -13.37 8.59 4.27
N GLY B 77 -12.65 7.67 3.62
CA GLY B 77 -11.74 8.01 2.54
C GLY B 77 -12.47 8.64 1.36
N LEU B 78 -13.63 8.07 1.02
CA LEU B 78 -14.43 8.58 -0.07
C LEU B 78 -14.96 9.97 0.25
N ALA B 79 -15.41 10.17 1.49
CA ALA B 79 -15.93 11.47 1.93
C ALA B 79 -14.87 12.56 1.76
N ALA B 80 -13.67 12.29 2.26
CA ALA B 80 -12.55 13.24 2.16
C ALA B 80 -12.20 13.50 0.68
N SER B 81 -12.18 12.43 -0.12
CA SER B 81 -11.85 12.52 -1.55
C SER B 81 -12.86 13.37 -2.31
N PHE B 82 -14.16 13.09 -2.11
CA PHE B 82 -15.23 13.85 -2.74
C PHE B 82 -15.15 15.32 -2.36
N GLN B 83 -14.89 15.61 -1.08
CA GLN B 83 -14.74 16.99 -0.62
C GLN B 83 -13.60 17.68 -1.35
N ALA B 84 -12.46 17.00 -1.44
CA ALA B 84 -11.25 17.57 -2.03
C ALA B 84 -11.46 17.86 -3.52
N VAL B 85 -12.07 16.92 -4.24
CA VAL B 85 -12.32 17.09 -5.66
C VAL B 85 -13.26 18.28 -5.88
N ARG B 86 -14.32 18.36 -5.08
CA ARG B 86 -15.29 19.49 -5.12
C ARG B 86 -14.54 20.80 -4.82
N ASP B 87 -13.74 20.80 -3.75
CA ASP B 87 -12.97 21.97 -3.34
C ASP B 87 -12.01 22.45 -4.44
N SER B 88 -11.49 21.51 -5.25
CA SER B 88 -10.55 21.83 -6.33
C SER B 88 -11.19 22.56 -7.52
N GLY B 89 -12.50 22.39 -7.69
CA GLY B 89 -13.22 22.88 -8.86
C GLY B 89 -12.91 22.12 -10.16
N LEU B 90 -12.16 21.02 -10.08
CA LEU B 90 -11.74 20.28 -11.26
C LEU B 90 -12.93 19.67 -11.99
N GLU B 91 -12.95 19.80 -13.33
CA GLU B 91 -13.95 19.16 -14.17
C GLU B 91 -13.29 17.99 -14.92
N VAL B 92 -13.78 16.78 -14.66
CA VAL B 92 -13.31 15.57 -15.31
C VAL B 92 -14.06 15.42 -16.64
N THR B 93 -13.29 15.22 -17.71
CA THR B 93 -13.81 15.07 -19.08
C THR B 93 -13.11 13.92 -19.78
N ASP B 94 -13.63 13.54 -20.96
CA ASP B 94 -12.96 12.54 -21.80
C ASP B 94 -11.55 12.98 -22.17
N ALA B 95 -11.34 14.29 -22.29
CA ALA B 95 -10.06 14.84 -22.67
C ALA B 95 -8.97 14.71 -21.58
N ASN B 96 -9.37 14.62 -20.30
CA ASN B 96 -8.39 14.57 -19.21
C ASN B 96 -8.44 13.36 -18.25
N ARG B 97 -9.44 12.49 -18.40
CA ARG B 97 -9.72 11.43 -17.41
C ARG B 97 -8.55 10.43 -17.34
N GLU B 98 -7.79 10.25 -18.42
CA GLU B 98 -6.60 9.40 -18.39
C GLU B 98 -5.43 9.99 -17.59
N ARG B 99 -5.53 11.29 -17.25
CA ARG B 99 -4.45 12.07 -16.61
C ARG B 99 -4.76 12.30 -15.13
N ILE B 100 -5.85 11.73 -14.61
CA ILE B 100 -6.27 11.94 -13.23
C ILE B 100 -6.30 10.60 -12.54
N GLY B 101 -5.48 10.46 -11.49
CA GLY B 101 -5.37 9.22 -10.74
C GLY B 101 -5.68 9.42 -9.26
N VAL B 102 -5.52 8.34 -8.49
CA VAL B 102 -5.89 8.32 -7.09
C VAL B 102 -4.94 7.41 -6.35
N SER B 103 -4.49 7.87 -5.17
CA SER B 103 -3.72 7.06 -4.24
C SER B 103 -4.15 7.39 -2.83
N MET B 104 -5.15 6.66 -2.36
CA MET B 104 -5.67 6.81 -1.01
C MET B 104 -5.36 5.51 -0.31
N GLY B 105 -4.74 5.60 0.87
CA GLY B 105 -4.29 4.42 1.59
C GLY B 105 -4.92 4.28 2.95
N SER B 106 -4.52 3.22 3.65
CA SER B 106 -4.89 2.99 5.05
C SER B 106 -3.82 2.12 5.69
N GLY B 107 -3.63 2.30 7.00
CA GLY B 107 -2.68 1.52 7.76
C GLY B 107 -3.17 0.14 8.10
N ILE B 108 -4.42 0.06 8.57
CA ILE B 108 -5.02 -1.19 9.04
C ILE B 108 -6.17 -1.67 8.17
N GLY B 109 -6.91 -0.73 7.55
CA GLY B 109 -8.00 -1.11 6.67
C GLY B 109 -9.23 -1.61 7.41
N GLY B 110 -9.89 -2.63 6.86
CA GLY B 110 -11.29 -2.94 7.15
C GLY B 110 -11.55 -3.82 8.36
N LEU B 111 -10.97 -3.42 9.50
CA LEU B 111 -11.00 -4.22 10.71
C LEU B 111 -12.43 -4.44 11.21
N THR B 112 -13.27 -3.40 11.15
CA THR B 112 -14.66 -3.46 11.60
C THR B 112 -15.47 -4.46 10.76
N ASN B 113 -15.33 -4.37 9.44
CA ASN B 113 -15.97 -5.31 8.52
C ASN B 113 -15.51 -6.73 8.75
N ILE B 114 -14.20 -6.92 8.99
CA ILE B 114 -13.66 -8.26 9.19
C ILE B 114 -14.24 -8.83 10.48
N GLU B 115 -14.24 -8.01 11.54
CA GLU B 115 -14.87 -8.37 12.81
C GLU B 115 -16.34 -8.84 12.64
N ASN B 116 -17.14 -8.05 11.91
CA ASN B 116 -18.56 -8.36 11.70
C ASN B 116 -18.76 -9.65 10.93
N ASN B 117 -17.89 -9.88 9.94
CA ASN B 117 -17.98 -11.08 9.15
C ASN B 117 -17.46 -12.30 9.92
N CYS B 118 -16.52 -12.06 10.85
CA CYS B 118 -16.05 -13.12 11.72
CA CYS B 118 -15.99 -13.05 11.80
C CYS B 118 -17.17 -13.67 12.58
N ARG B 119 -18.07 -12.79 13.06
CA ARG B 119 -19.25 -13.19 13.87
C ARG B 119 -20.13 -14.16 13.07
N SER B 120 -20.44 -13.80 11.81
CA SER B 120 -21.24 -14.65 10.92
CA SER B 120 -21.26 -14.66 10.95
C SER B 120 -20.57 -16.01 10.71
N LEU B 121 -19.25 -15.96 10.44
CA LEU B 121 -18.47 -17.16 10.19
C LEU B 121 -18.48 -18.13 11.37
N PHE B 122 -18.22 -17.63 12.58
CA PHE B 122 -18.06 -18.49 13.75
C PHE B 122 -19.39 -19.01 14.30
N GLU B 123 -20.45 -18.19 14.20
CA GLU B 123 -21.75 -18.54 14.76
C GLU B 123 -22.65 -19.31 13.79
N GLN B 124 -22.50 -19.06 12.50
CA GLN B 124 -23.36 -19.65 11.47
C GLN B 124 -22.60 -20.45 10.41
N GLY B 125 -21.46 -19.93 9.97
CA GLY B 125 -20.62 -20.58 8.97
C GLY B 125 -20.40 -19.71 7.74
N PRO B 126 -19.72 -20.23 6.70
CA PRO B 126 -19.33 -19.42 5.54
C PRO B 126 -20.48 -18.80 4.73
N ARG B 127 -21.68 -19.37 4.77
CA ARG B 127 -22.79 -19.02 3.85
C ARG B 127 -23.44 -17.68 4.27
N ARG B 128 -23.08 -17.15 5.44
CA ARG B 128 -23.56 -15.82 5.92
C ARG B 128 -22.52 -14.72 5.61
N ILE B 129 -21.38 -15.06 5.00
CA ILE B 129 -20.41 -14.03 4.61
C ILE B 129 -20.96 -13.22 3.43
N SER B 130 -20.84 -11.89 3.50
CA SER B 130 -21.38 -11.03 2.45
C SER B 130 -20.66 -11.32 1.13
N PRO B 131 -21.39 -11.36 -0.01
CA PRO B 131 -20.75 -11.40 -1.33
C PRO B 131 -19.82 -10.21 -1.61
N PHE B 132 -20.03 -9.08 -0.91
CA PHE B 132 -19.21 -7.90 -1.05
C PHE B 132 -18.12 -7.76 0.00
N PHE B 133 -17.93 -8.81 0.81
CA PHE B 133 -16.97 -8.76 1.91
C PHE B 133 -15.57 -8.36 1.44
N VAL B 134 -15.04 -9.05 0.43
CA VAL B 134 -13.67 -8.78 -0.02
C VAL B 134 -13.52 -7.38 -0.63
N PRO B 135 -14.28 -7.00 -1.68
CA PRO B 135 -14.15 -5.68 -2.28
C PRO B 135 -14.52 -4.54 -1.30
N GLY B 136 -15.41 -4.82 -0.35
CA GLY B 136 -15.82 -3.82 0.63
C GLY B 136 -14.90 -3.61 1.82
N SER B 137 -13.81 -4.40 1.89
CA SER B 137 -12.90 -4.41 3.03
C SER B 137 -11.43 -4.14 2.72
N ILE B 138 -11.04 -4.33 1.47
CA ILE B 138 -9.64 -4.21 1.07
C ILE B 138 -9.26 -2.74 0.89
N ILE B 139 -7.99 -2.45 1.15
CA ILE B 139 -7.50 -1.10 1.28
C ILE B 139 -7.57 -0.30 -0.01
N ASN B 140 -7.40 -0.96 -1.16
CA ASN B 140 -7.41 -0.23 -2.43
C ASN B 140 -8.79 0.19 -2.95
N MET B 141 -9.84 -0.07 -2.17
CA MET B 141 -11.19 0.24 -2.61
C MET B 141 -11.61 1.70 -2.50
N VAL B 142 -10.85 2.53 -1.75
CA VAL B 142 -11.10 3.97 -1.78
C VAL B 142 -10.71 4.49 -3.17
N SER B 143 -9.49 4.15 -3.59
CA SER B 143 -8.99 4.47 -4.92
C SER B 143 -9.88 3.87 -6.00
N GLY B 144 -10.22 2.59 -5.84
CA GLY B 144 -11.08 1.87 -6.74
C GLY B 144 -12.43 2.54 -6.93
N PHE B 145 -13.17 2.70 -5.82
CA PHE B 145 -14.51 3.26 -5.87
C PHE B 145 -14.52 4.72 -6.36
N LEU B 146 -13.56 5.54 -5.89
CA LEU B 146 -13.47 6.91 -6.35
C LEU B 146 -13.25 6.98 -7.86
N SER B 147 -12.35 6.14 -8.39
CA SER B 147 -12.06 6.13 -9.81
C SER B 147 -13.30 5.77 -10.62
N ILE B 148 -14.07 4.78 -10.13
CA ILE B 148 -15.28 4.32 -10.79
C ILE B 148 -16.35 5.41 -10.78
N HIS B 149 -16.55 6.04 -9.62
CA HIS B 149 -17.60 7.04 -9.46
C HIS B 149 -17.33 8.34 -10.26
N LEU B 150 -16.07 8.77 -10.30
CA LEU B 150 -15.69 9.99 -10.99
C LEU B 150 -15.17 9.79 -12.43
N GLY B 151 -14.85 8.54 -12.78
CA GLY B 151 -14.36 8.18 -14.10
C GLY B 151 -12.88 8.49 -14.31
N LEU B 152 -12.09 8.28 -13.25
CA LEU B 152 -10.67 8.57 -13.25
C LEU B 152 -9.90 7.36 -13.76
N GLN B 153 -9.13 7.55 -14.83
CA GLN B 153 -8.44 6.47 -15.50
C GLN B 153 -6.91 6.52 -15.42
N GLY B 154 -6.39 7.47 -14.64
CA GLY B 154 -4.96 7.58 -14.40
C GLY B 154 -4.47 6.55 -13.38
N PRO B 155 -3.22 6.68 -12.90
CA PRO B 155 -2.65 5.73 -11.94
C PRO B 155 -3.58 5.52 -10.75
N ASN B 156 -3.83 4.25 -10.42
CA ASN B 156 -4.78 3.88 -9.41
C ASN B 156 -4.14 2.87 -8.48
N TYR B 157 -3.83 3.29 -7.24
CA TYR B 157 -3.13 2.43 -6.27
C TYR B 157 -3.36 2.91 -4.84
N ALA B 158 -2.82 2.16 -3.89
CA ALA B 158 -2.98 2.44 -2.49
C ALA B 158 -1.72 2.01 -1.78
N LEU B 159 -1.27 2.85 -0.86
CA LEU B 159 -0.17 2.59 0.03
C LEU B 159 -0.75 2.03 1.31
N THR B 160 0.04 1.19 1.97
CA THR B 160 -0.23 0.80 3.34
C THR B 160 1.11 0.73 4.05
N THR B 161 1.46 1.83 4.72
CA THR B 161 2.70 1.93 5.50
C THR B 161 2.40 2.36 6.93
N ALA B 162 1.41 1.69 7.52
CA ALA B 162 1.02 1.91 8.91
C ALA B 162 0.79 3.41 9.17
N GLN B 163 1.43 3.96 10.21
CA GLN B 163 1.22 5.35 10.61
C GLN B 163 1.81 6.38 9.66
N THR B 164 2.52 5.92 8.62
CA THR B 164 3.15 6.79 7.64
C THR B 164 2.35 6.86 6.33
N THR B 165 1.25 6.09 6.26
CA THR B 165 0.51 5.88 5.01
C THR B 165 0.13 7.20 4.29
N GLY B 166 -0.49 8.12 5.04
CA GLY B 166 -0.99 9.37 4.48
C GLY B 166 0.11 10.19 3.86
N THR B 167 1.26 10.22 4.55
CA THR B 167 2.42 10.97 4.10
C THR B 167 3.03 10.34 2.84
N HIS B 168 3.25 9.03 2.86
CA HIS B 168 3.75 8.34 1.68
C HIS B 168 2.80 8.43 0.47
N SER B 169 1.49 8.35 0.73
CA SER B 169 0.48 8.42 -0.33
C SER B 169 0.57 9.75 -1.10
N ILE B 170 0.69 10.84 -0.33
CA ILE B 170 0.78 12.19 -0.89
C ILE B 170 2.09 12.38 -1.65
N GLY B 171 3.20 11.93 -1.05
CA GLY B 171 4.52 12.02 -1.64
C GLY B 171 4.65 11.28 -2.96
N MET B 172 4.22 10.01 -2.98
CA MET B 172 4.31 9.21 -4.19
C MET B 172 3.36 9.69 -5.29
N ALA B 173 2.19 10.20 -4.91
CA ALA B 173 1.27 10.83 -5.86
C ALA B 173 1.90 12.06 -6.52
N ALA B 174 2.59 12.86 -5.70
CA ALA B 174 3.31 14.03 -6.21
C ALA B 174 4.37 13.62 -7.23
N ARG B 175 5.08 12.52 -6.97
CA ARG B 175 6.10 11.97 -7.90
C ARG B 175 5.43 11.60 -9.23
N ASN B 176 4.26 10.97 -9.20
CA ASN B 176 3.55 10.63 -10.44
C ASN B 176 3.38 11.88 -11.31
N ILE B 177 2.99 12.98 -10.69
CA ILE B 177 2.73 14.23 -11.39
C ILE B 177 4.05 14.87 -11.88
N ALA B 178 5.03 14.94 -10.96
CA ALA B 178 6.32 15.55 -11.24
C ALA B 178 7.01 14.92 -12.45
N TYR B 179 6.85 13.61 -12.62
CA TYR B 179 7.52 12.80 -13.68
C TYR B 179 6.57 12.52 -14.86
N GLY B 180 5.38 13.13 -14.88
CA GLY B 180 4.53 13.13 -16.05
C GLY B 180 3.59 11.96 -16.24
N GLU B 181 3.44 11.12 -15.21
CA GLU B 181 2.55 9.96 -15.26
C GLU B 181 1.08 10.36 -15.03
N ALA B 182 0.88 11.57 -14.50
CA ALA B 182 -0.45 12.13 -14.29
C ALA B 182 -0.33 13.64 -14.20
N ASP B 183 -1.45 14.33 -14.43
CA ASP B 183 -1.56 15.77 -14.22
C ASP B 183 -2.25 16.11 -12.91
N VAL B 184 -3.12 15.20 -12.45
CA VAL B 184 -3.86 15.37 -11.20
C VAL B 184 -3.86 14.04 -10.45
N MET B 185 -3.70 14.12 -9.13
CA MET B 185 -3.89 12.96 -8.27
C MET B 185 -4.67 13.36 -7.04
N VAL B 186 -5.60 12.49 -6.63
CA VAL B 186 -6.25 12.61 -5.34
C VAL B 186 -5.48 11.68 -4.40
N ALA B 187 -4.93 12.24 -3.30
CA ALA B 187 -4.07 11.47 -2.42
C ALA B 187 -4.29 11.74 -0.96
N GLY B 188 -4.04 10.71 -0.13
CA GLY B 188 -4.18 10.81 1.30
C GLY B 188 -4.43 9.45 1.92
N GLY B 189 -5.22 9.43 2.99
CA GLY B 189 -5.47 8.22 3.73
C GLY B 189 -6.70 8.29 4.62
N SER B 190 -7.13 7.12 5.10
CA SER B 190 -8.29 7.00 5.96
C SER B 190 -8.09 5.85 6.92
N GLU B 191 -8.79 5.92 8.05
CA GLU B 191 -8.65 4.92 9.07
C GLU B 191 -9.88 4.89 9.96
N MET B 192 -10.31 3.68 10.30
CA MET B 192 -11.33 3.44 11.31
CA MET B 192 -11.31 3.46 11.33
C MET B 192 -11.00 2.13 12.01
N ALA B 193 -10.16 2.21 13.04
CA ALA B 193 -9.69 1.03 13.77
C ALA B 193 -10.30 0.94 15.18
N ALA B 194 -11.32 1.76 15.45
CA ALA B 194 -12.00 1.79 16.74
C ALA B 194 -13.02 0.67 16.84
N CYS B 195 -12.53 -0.55 17.06
CA CYS B 195 -13.36 -1.73 17.28
C CYS B 195 -12.62 -2.52 18.34
N GLY B 196 -13.21 -3.65 18.76
CA GLY B 196 -12.60 -4.52 19.76
C GLY B 196 -11.17 -4.91 19.41
N LEU B 197 -10.95 -5.33 18.16
CA LEU B 197 -9.62 -5.73 17.70
C LEU B 197 -8.60 -4.60 17.78
N GLY B 198 -9.03 -3.39 17.42
CA GLY B 198 -8.16 -2.21 17.44
C GLY B 198 -7.79 -1.76 18.83
N LEU B 199 -8.79 -1.42 19.65
CA LEU B 199 -8.59 -1.04 21.05
C LEU B 199 -7.90 -2.16 21.85
N GLY B 200 -8.34 -3.40 21.60
CA GLY B 200 -7.79 -4.57 22.26
C GLY B 200 -6.37 -4.90 21.80
N GLY B 201 -6.11 -4.74 20.50
CA GLY B 201 -4.80 -4.98 19.91
C GLY B 201 -3.73 -4.01 20.37
N PHE B 202 -4.03 -2.71 20.30
CA PHE B 202 -3.12 -1.70 20.81
C PHE B 202 -3.06 -1.72 22.34
N GLY B 203 -4.18 -2.07 22.99
CA GLY B 203 -4.22 -2.26 24.43
C GLY B 203 -3.32 -3.39 24.91
N ALA B 204 -3.34 -4.52 24.20
CA ALA B 204 -2.50 -5.68 24.52
C ALA B 204 -1.00 -5.34 24.43
N ALA B 205 -0.64 -4.44 23.51
CA ALA B 205 0.72 -3.95 23.36
C ALA B 205 1.07 -2.84 24.37
N ARG B 206 0.08 -2.40 25.15
CA ARG B 206 0.19 -1.33 26.18
C ARG B 206 0.64 -0.02 25.51
N ALA B 207 0.18 0.23 24.29
CA ALA B 207 0.62 1.38 23.50
C ALA B 207 -0.24 2.62 23.73
N LEU B 208 -1.45 2.42 24.28
CA LEU B 208 -2.45 3.47 24.43
C LEU B 208 -2.38 4.15 25.77
N SER B 209 -2.66 5.45 25.81
CA SER B 209 -2.92 6.16 27.05
C SER B 209 -4.13 5.53 27.73
N THR B 210 -4.06 5.42 29.05
CA THR B 210 -5.16 4.92 29.86
C THR B 210 -5.69 6.00 30.81
N ARG B 211 -5.58 7.27 30.42
CA ARG B 211 -6.06 8.43 31.22
C ARG B 211 -7.58 8.60 31.01
N ASN B 212 -8.35 7.61 31.43
CA ASN B 212 -9.80 7.59 31.24
C ASN B 212 -10.54 8.68 31.99
N ASP B 213 -9.95 9.19 33.08
CA ASP B 213 -10.59 10.20 33.90
C ASP B 213 -10.54 11.61 33.28
N GLU B 214 -9.58 11.84 32.38
CA GLU B 214 -9.44 13.11 31.67
C GLU B 214 -9.03 12.86 30.23
N PRO B 215 -9.94 12.35 29.37
CA PRO B 215 -9.59 12.01 27.99
C PRO B 215 -8.96 13.16 27.19
N THR B 216 -9.39 14.40 27.42
CA THR B 216 -8.91 15.54 26.64
C THR B 216 -7.48 15.94 26.99
N ARG B 217 -6.97 15.41 28.12
CA ARG B 217 -5.60 15.65 28.60
C ARG B 217 -4.69 14.44 28.29
N ALA B 218 -5.24 13.38 27.70
CA ALA B 218 -4.49 12.13 27.50
C ALA B 218 -3.35 12.30 26.49
N SER B 219 -3.65 12.95 25.37
CA SER B 219 -2.65 13.16 24.32
C SER B 219 -1.86 14.39 24.66
N ARG B 220 -0.60 14.19 25.06
CA ARG B 220 0.25 15.26 25.61
C ARG B 220 1.69 15.07 25.12
N PRO B 221 1.94 15.25 23.81
CA PRO B 221 3.26 15.02 23.22
C PRO B 221 4.34 15.86 23.93
N TRP B 222 5.48 15.21 24.22
CA TRP B 222 6.63 15.82 24.89
C TRP B 222 6.43 16.20 26.36
N ASP B 223 5.23 15.95 26.90
CA ASP B 223 4.95 16.23 28.30
C ASP B 223 5.48 15.07 29.14
N ARG B 224 6.00 15.38 30.33
CA ARG B 224 6.68 14.38 31.18
CA ARG B 224 6.67 14.39 31.22
C ARG B 224 5.68 13.29 31.62
N ASP B 225 4.38 13.60 31.65
CA ASP B 225 3.36 12.65 32.10
C ASP B 225 2.66 11.86 30.99
N ARG B 226 3.17 11.94 29.76
CA ARG B 226 2.59 11.20 28.62
C ARG B 226 2.71 9.70 28.89
N ASP B 227 1.73 8.92 28.43
CA ASP B 227 1.64 7.48 28.71
C ASP B 227 1.06 6.68 27.55
N GLY B 228 1.34 7.11 26.31
CA GLY B 228 0.92 6.41 25.11
C GLY B 228 -0.04 7.22 24.25
N PHE B 229 -0.30 6.72 23.05
CA PHE B 229 -1.07 7.48 22.08
C PHE B 229 -2.58 7.30 22.30
N VAL B 230 -3.33 8.20 21.67
CA VAL B 230 -4.78 8.20 21.67
C VAL B 230 -5.23 7.82 20.27
N LEU B 231 -6.07 6.79 20.19
CA LEU B 231 -6.52 6.23 18.93
C LEU B 231 -7.65 7.07 18.35
N SER B 232 -7.50 7.48 17.09
CA SER B 232 -8.49 8.32 16.43
C SER B 232 -8.80 7.84 15.03
N ASP B 233 -9.95 8.30 14.52
CA ASP B 233 -10.48 7.89 13.23
C ASP B 233 -10.60 9.08 12.31
N GLY B 234 -10.62 8.81 11.00
CA GLY B 234 -10.91 9.85 10.04
C GLY B 234 -10.21 9.67 8.72
N SER B 235 -10.05 10.79 8.00
CA SER B 235 -9.50 10.78 6.67
C SER B 235 -9.04 12.16 6.25
N GLY B 236 -8.10 12.20 5.32
CA GLY B 236 -7.67 13.42 4.67
C GLY B 236 -7.38 13.10 3.22
N ALA B 237 -7.68 14.07 2.35
CA ALA B 237 -7.38 13.94 0.93
C ALA B 237 -6.99 15.28 0.38
N LEU B 238 -6.02 15.25 -0.53
CA LEU B 238 -5.56 16.43 -1.24
CA LEU B 238 -5.51 16.42 -1.24
C LEU B 238 -5.67 16.18 -2.74
N VAL B 239 -6.10 17.21 -3.47
CA VAL B 239 -6.00 17.21 -4.92
C VAL B 239 -4.64 17.86 -5.24
N LEU B 240 -3.71 17.04 -5.74
CA LEU B 240 -2.43 17.49 -6.22
CA LEU B 240 -2.41 17.47 -6.22
C LEU B 240 -2.52 17.70 -7.71
N GLU B 241 -1.88 18.77 -8.20
CA GLU B 241 -2.03 19.16 -9.59
C GLU B 241 -0.73 19.75 -10.13
N GLU B 242 -0.42 19.42 -11.39
CA GLU B 242 0.71 20.03 -12.06
C GLU B 242 0.43 21.55 -12.19
N LEU B 243 1.47 22.35 -11.96
CA LEU B 243 1.31 23.80 -11.83
C LEU B 243 0.68 24.46 -13.06
N GLU B 244 1.19 24.14 -14.25
CA GLU B 244 0.69 24.77 -15.48
C GLU B 244 -0.75 24.36 -15.75
N HIS B 245 -1.10 23.11 -15.43
CA HIS B 245 -2.46 22.60 -15.53
C HIS B 245 -3.39 23.40 -14.61
N ALA B 246 -2.94 23.64 -13.37
CA ALA B 246 -3.69 24.40 -12.40
C ALA B 246 -3.92 25.84 -12.90
N ARG B 247 -2.84 26.48 -13.38
CA ARG B 247 -2.86 27.88 -13.88
C ARG B 247 -3.81 27.98 -15.08
N ALA B 248 -3.77 27.02 -15.99
CA ALA B 248 -4.54 27.03 -17.22
C ALA B 248 -6.04 27.10 -16.98
N ARG B 249 -6.51 26.46 -15.90
CA ARG B 249 -7.96 26.42 -15.55
C ARG B 249 -8.29 27.46 -14.48
N GLY B 250 -7.33 28.30 -14.08
CA GLY B 250 -7.55 29.30 -13.04
C GLY B 250 -7.89 28.72 -11.68
N ALA B 251 -7.24 27.60 -11.32
CA ALA B 251 -7.43 26.98 -10.00
C ALA B 251 -6.93 27.88 -8.88
N ARG B 252 -7.59 27.79 -7.72
CA ARG B 252 -7.08 28.36 -6.45
CA ARG B 252 -7.08 28.36 -6.45
C ARG B 252 -5.99 27.42 -5.92
N ILE B 253 -4.77 27.94 -5.74
CA ILE B 253 -3.65 27.15 -5.28
C ILE B 253 -3.40 27.49 -3.80
N TYR B 254 -3.45 26.48 -2.95
CA TYR B 254 -3.21 26.62 -1.48
C TYR B 254 -1.72 26.80 -1.20
N ALA B 255 -0.88 25.96 -1.82
CA ALA B 255 0.54 25.85 -1.53
C ALA B 255 1.18 24.95 -2.55
N GLU B 256 2.51 24.93 -2.54
CA GLU B 256 3.30 24.07 -3.40
C GLU B 256 3.92 22.94 -2.57
N LEU B 257 3.91 21.73 -3.15
CA LEU B 257 4.58 20.58 -2.57
C LEU B 257 5.95 20.49 -3.24
N VAL B 258 7.01 20.84 -2.50
CA VAL B 258 8.35 20.92 -3.07
C VAL B 258 9.30 19.77 -2.76
N GLY B 259 9.00 18.99 -1.71
CA GLY B 259 9.90 17.92 -1.26
C GLY B 259 9.22 16.74 -0.65
N PHE B 260 9.81 15.55 -0.85
CA PHE B 260 9.32 14.31 -0.28
C PHE B 260 10.55 13.46 0.02
N GLY B 261 10.63 12.97 1.26
CA GLY B 261 11.69 12.07 1.69
C GLY B 261 11.14 10.83 2.33
N MET B 262 11.86 9.72 2.16
CA MET B 262 11.56 8.45 2.77
C MET B 262 12.85 7.91 3.37
N SER B 263 12.70 7.07 4.39
CA SER B 263 13.80 6.29 4.92
C SER B 263 13.25 5.14 5.73
N GLY B 264 14.12 4.17 6.05
CA GLY B 264 13.83 3.12 7.01
C GLY B 264 14.83 3.21 8.15
N ASP B 265 14.35 3.03 9.38
CA ASP B 265 15.21 2.99 10.56
C ASP B 265 16.10 1.75 10.56
N ALA B 266 15.54 0.63 10.07
CA ALA B 266 16.13 -0.71 10.18
C ALA B 266 16.56 -1.02 11.62
N PHE B 267 15.67 -0.71 12.58
CA PHE B 267 16.01 -0.78 14.00
C PHE B 267 15.11 -1.76 14.77
N HIS B 268 13.83 -1.39 14.96
CA HIS B 268 12.88 -2.18 15.75
C HIS B 268 11.50 -2.06 15.11
N MET B 269 10.65 -3.06 15.36
CA MET B 269 9.32 -3.14 14.77
C MET B 269 8.36 -2.04 15.23
N THR B 270 8.44 -1.64 16.52
CA THR B 270 7.44 -0.72 17.09
C THR B 270 7.99 0.47 17.89
N ALA B 271 9.32 0.57 17.98
CA ALA B 271 9.96 1.68 18.67
C ALA B 271 11.03 2.27 17.76
N PRO B 272 11.15 3.62 17.67
CA PRO B 272 12.26 4.23 16.93
C PRO B 272 13.54 4.19 17.76
N PRO B 273 14.72 4.36 17.14
CA PRO B 273 15.96 4.50 17.90
C PRO B 273 15.91 5.80 18.70
N GLU B 274 16.51 5.81 19.89
CA GLU B 274 16.46 6.95 20.79
C GLU B 274 16.95 8.25 20.14
N ASP B 275 17.96 8.14 19.27
CA ASP B 275 18.56 9.29 18.60
C ASP B 275 17.83 9.76 17.34
N GLY B 276 16.77 9.04 16.93
CA GLY B 276 15.97 9.39 15.76
C GLY B 276 16.72 9.45 14.45
N ALA B 277 17.76 8.60 14.31
CA ALA B 277 18.64 8.62 13.15
C ALA B 277 17.89 8.45 11.81
N GLY B 278 16.92 7.54 11.77
CA GLY B 278 16.13 7.32 10.56
C GLY B 278 15.29 8.52 10.16
N ALA B 279 14.62 9.11 11.15
CA ALA B 279 13.82 10.32 10.96
C ALA B 279 14.68 11.47 10.46
N ALA B 280 15.89 11.60 11.01
CA ALA B 280 16.85 12.61 10.58
C ALA B 280 17.20 12.43 9.10
N ARG B 281 17.53 11.20 8.69
CA ARG B 281 17.86 10.89 7.28
CA ARG B 281 17.85 10.85 7.28
C ARG B 281 16.66 11.23 6.39
N CYS B 282 15.45 10.92 6.84
CA CYS B 282 14.24 11.18 6.09
C CYS B 282 14.04 12.67 5.83
N MET B 283 14.14 13.49 6.89
CA MET B 283 14.00 14.94 6.76
C MET B 283 15.07 15.54 5.82
N LYS B 284 16.32 15.08 5.99
CA LYS B 284 17.40 15.52 5.10
C LYS B 284 17.14 15.18 3.64
N ASN B 285 16.65 13.96 3.38
CA ASN B 285 16.26 13.54 2.04
CA ASN B 285 16.27 13.53 2.04
C ASN B 285 15.19 14.45 1.46
N ALA B 286 14.20 14.81 2.28
CA ALA B 286 13.10 15.68 1.84
C ALA B 286 13.60 17.09 1.51
N LEU B 287 14.50 17.63 2.35
CA LEU B 287 15.07 18.94 2.11
C LEU B 287 15.93 18.98 0.86
N ARG B 288 16.76 17.96 0.65
CA ARG B 288 17.60 17.80 -0.57
C ARG B 288 16.69 17.69 -1.80
N ASP B 289 15.62 16.90 -1.70
CA ASP B 289 14.64 16.78 -2.77
C ASP B 289 14.08 18.15 -3.19
N ALA B 290 13.83 19.01 -2.18
CA ALA B 290 13.31 20.37 -2.39
C ALA B 290 14.38 21.42 -2.78
N GLY B 291 15.66 21.05 -2.72
CA GLY B 291 16.77 21.98 -2.92
C GLY B 291 16.82 23.08 -1.87
N LEU B 292 16.46 22.73 -0.63
CA LEU B 292 16.37 23.68 0.47
C LEU B 292 17.46 23.46 1.51
N ASP B 293 17.95 24.59 2.06
CA ASP B 293 18.83 24.63 3.20
C ASP B 293 17.91 24.41 4.41
N PRO B 294 18.31 23.60 5.41
CA PRO B 294 17.53 23.45 6.64
C PRO B 294 17.08 24.76 7.29
N ARG B 295 17.87 25.84 7.16
CA ARG B 295 17.55 27.16 7.77
C ARG B 295 16.31 27.78 7.12
N GLN B 296 15.83 27.24 6.00
CA GLN B 296 14.64 27.74 5.35
C GLN B 296 13.34 27.25 5.99
N VAL B 297 13.43 26.19 6.81
CA VAL B 297 12.25 25.62 7.48
C VAL B 297 11.80 26.47 8.66
N ASP B 298 10.52 26.87 8.63
CA ASP B 298 9.91 27.69 9.67
C ASP B 298 9.02 26.91 10.63
N TYR B 299 8.32 25.89 10.12
CA TYR B 299 7.32 25.12 10.90
C TYR B 299 7.44 23.63 10.59
N ILE B 300 7.40 22.80 11.64
CA ILE B 300 7.34 21.35 11.50
C ILE B 300 6.08 20.87 12.19
N ASN B 301 5.20 20.21 11.44
CA ASN B 301 4.12 19.44 12.04
C ASN B 301 4.68 18.07 12.34
N ALA B 302 4.96 17.83 13.62
CA ALA B 302 5.65 16.64 14.06
C ALA B 302 4.73 15.43 13.99
N HIS B 303 5.33 14.24 13.96
CA HIS B 303 4.59 13.03 14.12
C HIS B 303 3.98 13.03 15.53
N GLY B 304 4.83 13.32 16.53
CA GLY B 304 4.43 13.59 17.91
C GLY B 304 3.22 12.87 18.51
N THR B 305 3.37 11.57 18.75
CA THR B 305 2.25 10.69 19.11
C THR B 305 1.88 10.63 20.60
N SER B 306 2.73 11.18 21.47
CA SER B 306 2.55 11.12 22.93
C SER B 306 3.00 9.78 23.52
N THR B 307 3.93 9.13 22.83
CA THR B 307 4.62 7.95 23.34
C THR B 307 5.95 8.41 23.94
N PRO B 308 6.44 7.81 25.05
CA PRO B 308 7.73 8.17 25.62
C PRO B 308 8.91 8.15 24.63
N ALA B 309 9.14 7.02 23.96
CA ALA B 309 10.31 6.86 23.09
C ALA B 309 10.20 7.69 21.81
N GLY B 310 9.00 7.69 21.22
CA GLY B 310 8.75 8.36 19.95
C GLY B 310 9.01 9.85 20.00
N ASP B 311 8.43 10.50 21.01
CA ASP B 311 8.46 11.97 21.12
C ASP B 311 9.91 12.48 21.23
N ILE B 312 10.70 11.82 22.08
CA ILE B 312 12.07 12.25 22.32
CA ILE B 312 12.09 12.21 22.34
C ILE B 312 12.96 12.01 21.09
N ALA B 313 12.73 10.89 20.38
CA ALA B 313 13.44 10.58 19.14
C ALA B 313 13.29 11.69 18.09
N GLU B 314 12.06 12.23 17.99
CA GLU B 314 11.77 13.28 17.04
C GLU B 314 12.52 14.59 17.35
N ILE B 315 12.61 14.93 18.64
CA ILE B 315 13.36 16.10 19.06
C ILE B 315 14.82 15.92 18.65
N ALA B 316 15.38 14.74 18.95
CA ALA B 316 16.76 14.43 18.63
C ALA B 316 17.02 14.54 17.13
N ALA B 317 16.09 14.03 16.32
CA ALA B 317 16.19 14.07 14.86
C ALA B 317 16.21 15.51 14.35
N VAL B 318 15.32 16.34 14.89
CA VAL B 318 15.23 17.74 14.52
C VAL B 318 16.52 18.51 14.91
N LYS B 319 17.05 18.24 16.11
CA LYS B 319 18.29 18.86 16.53
C LYS B 319 19.44 18.48 15.60
N SER B 320 19.49 17.20 15.21
CA SER B 320 20.51 16.70 14.30
CA SER B 320 20.51 16.70 14.28
C SER B 320 20.45 17.37 12.92
N VAL B 321 19.23 17.46 12.36
CA VAL B 321 19.07 17.99 11.03
C VAL B 321 19.28 19.49 10.96
N PHE B 322 18.76 20.22 11.96
CA PHE B 322 18.66 21.66 11.87
C PHE B 322 19.72 22.42 12.66
N GLY B 323 20.50 21.72 13.49
CA GLY B 323 21.52 22.34 14.33
C GLY B 323 20.94 23.48 15.14
N GLU B 324 21.61 24.64 15.13
CA GLU B 324 21.16 25.79 15.91
C GLU B 324 19.84 26.35 15.37
N HIS B 325 19.55 26.12 14.10
CA HIS B 325 18.27 26.52 13.53
C HIS B 325 17.08 25.82 14.19
N ALA B 326 17.32 24.67 14.84
CA ALA B 326 16.30 23.99 15.63
C ALA B 326 15.65 24.90 16.67
N HIS B 327 16.40 25.91 17.14
CA HIS B 327 15.90 26.87 18.11
C HIS B 327 15.15 28.07 17.51
N ALA B 328 15.15 28.19 16.17
CA ALA B 328 14.46 29.26 15.46
C ALA B 328 13.10 28.82 14.91
N LEU B 329 13.03 27.57 14.45
CA LEU B 329 11.80 27.03 13.90
C LEU B 329 10.79 26.75 15.03
N SER B 330 9.53 26.54 14.64
CA SER B 330 8.47 26.13 15.54
C SER B 330 8.04 24.74 15.13
N MET B 331 7.80 23.87 16.12
CA MET B 331 7.36 22.51 15.89
C MET B 331 6.17 22.23 16.81
N SER B 332 5.13 21.63 16.27
CA SER B 332 4.00 21.25 17.10
C SER B 332 3.42 19.94 16.67
N SER B 333 2.70 19.30 17.60
CA SER B 333 1.94 18.10 17.30
C SER B 333 0.47 18.41 17.46
N THR B 334 -0.24 18.34 16.34
CA THR B 334 -1.68 18.49 16.33
C THR B 334 -2.40 17.24 16.85
N LYS B 335 -1.66 16.13 17.01
CA LYS B 335 -2.18 14.94 17.67
C LYS B 335 -2.55 15.20 19.13
N SER B 336 -1.98 16.27 19.70
CA SER B 336 -2.38 16.73 21.03
C SER B 336 -3.90 17.00 21.09
N MET B 337 -4.48 17.37 19.95
CA MET B 337 -5.90 17.70 19.82
C MET B 337 -6.73 16.62 19.10
N THR B 338 -6.18 16.06 18.02
CA THR B 338 -6.89 15.12 17.17
C THR B 338 -6.73 13.66 17.60
N GLY B 339 -5.71 13.40 18.44
CA GLY B 339 -5.21 12.06 18.62
C GLY B 339 -4.53 11.54 17.36
N HIS B 340 -4.26 10.24 17.33
CA HIS B 340 -3.48 9.60 16.31
C HIS B 340 -4.38 8.86 15.32
N LEU B 341 -4.52 9.41 14.11
CA LEU B 341 -5.38 8.85 13.08
C LEU B 341 -4.73 7.73 12.26
N LEU B 342 -3.57 7.26 12.73
CA LEU B 342 -2.84 6.14 12.14
C LEU B 342 -2.55 6.42 10.67
N GLY B 343 -3.10 5.60 9.77
CA GLY B 343 -2.86 5.77 8.34
C GLY B 343 -3.31 7.11 7.76
N ALA B 344 -4.30 7.72 8.40
CA ALA B 344 -4.83 9.03 8.00
C ALA B 344 -4.06 10.21 8.63
N ALA B 345 -3.20 9.92 9.61
CA ALA B 345 -2.47 10.96 10.35
C ALA B 345 -1.70 11.90 9.43
N GLY B 346 -0.90 11.32 8.54
CA GLY B 346 -0.11 12.09 7.58
C GLY B 346 -0.93 12.93 6.60
N ALA B 347 -2.14 12.47 6.29
CA ALA B 347 -3.01 13.17 5.36
C ALA B 347 -3.61 14.41 6.02
N VAL B 348 -4.19 14.25 7.22
CA VAL B 348 -4.75 15.39 7.92
C VAL B 348 -3.66 16.39 8.33
N GLU B 349 -2.48 15.88 8.70
CA GLU B 349 -1.37 16.74 9.11
C GLU B 349 -0.73 17.50 7.93
N ALA B 350 -0.76 16.91 6.73
CA ALA B 350 -0.39 17.61 5.50
C ALA B 350 -1.33 18.81 5.30
N ILE B 351 -2.64 18.57 5.49
CA ILE B 351 -3.63 19.62 5.37
C ILE B 351 -3.37 20.75 6.38
N PHE B 352 -3.11 20.39 7.64
CA PHE B 352 -2.80 21.37 8.68
C PHE B 352 -1.53 22.18 8.37
N SER B 353 -0.53 21.54 7.76
CA SER B 353 0.70 22.21 7.37
C SER B 353 0.43 23.22 6.24
N VAL B 354 -0.40 22.83 5.27
CA VAL B 354 -0.82 23.71 4.19
C VAL B 354 -1.56 24.93 4.74
N LEU B 355 -2.45 24.71 5.72
CA LEU B 355 -3.23 25.79 6.31
C LEU B 355 -2.38 26.71 7.20
N ALA B 356 -1.35 26.13 7.84
CA ALA B 356 -0.36 26.89 8.58
C ALA B 356 0.31 27.91 7.66
N LEU B 357 0.60 27.49 6.42
CA LEU B 357 1.16 28.38 5.40
C LEU B 357 0.16 29.45 4.98
N ARG B 358 -1.08 29.04 4.71
CA ARG B 358 -2.16 29.99 4.28
C ARG B 358 -2.36 31.05 5.36
N ASP B 359 -2.47 30.63 6.61
CA ASP B 359 -2.87 31.53 7.70
C ASP B 359 -1.71 32.12 8.48
N GLN B 360 -0.48 31.70 8.17
CA GLN B 360 0.72 32.18 8.85
C GLN B 360 0.60 32.04 10.37
N VAL B 361 0.34 30.80 10.79
CA VAL B 361 0.11 30.48 12.19
C VAL B 361 0.56 29.05 12.47
N ALA B 362 1.33 28.87 13.55
CA ALA B 362 1.73 27.56 14.03
C ALA B 362 0.65 27.04 14.98
N PRO B 363 -0.01 25.91 14.66
CA PRO B 363 -0.96 25.27 15.57
C PRO B 363 -0.29 24.89 16.90
N PRO B 364 -1.06 24.88 18.02
CA PRO B 364 -0.48 24.57 19.32
C PRO B 364 -0.24 23.07 19.55
N THR B 365 0.71 22.76 20.43
CA THR B 365 0.72 21.47 21.10
C THR B 365 0.00 21.71 22.43
N ILE B 366 -1.27 21.28 22.52
CA ILE B 366 -1.98 21.41 23.78
C ILE B 366 -1.48 20.36 24.77
N ASN B 367 -1.80 20.58 26.05
CA ASN B 367 -1.44 19.67 27.15
C ASN B 367 0.04 19.60 27.53
N LEU B 368 0.85 20.47 26.94
CA LEU B 368 2.29 20.46 27.17
C LEU B 368 2.57 21.31 28.41
N ASP B 369 2.20 20.76 29.57
CA ASP B 369 2.24 21.46 30.84
C ASP B 369 3.67 21.48 31.41
N ASN B 370 4.36 20.35 31.32
CA ASN B 370 5.71 20.17 31.83
C ASN B 370 6.57 19.42 30.82
N PRO B 371 7.25 20.13 29.89
CA PRO B 371 8.11 19.50 28.90
C PRO B 371 9.12 18.55 29.55
N ASP B 372 9.30 17.38 28.93
CA ASP B 372 10.20 16.36 29.46
C ASP B 372 11.65 16.81 29.22
N GLU B 373 12.60 16.07 29.80
CA GLU B 373 14.03 16.36 29.66
CA GLU B 373 14.04 16.36 29.66
CA GLU B 373 14.02 16.36 29.65
C GLU B 373 14.40 16.38 28.18
N GLY B 374 15.12 17.43 27.76
CA GLY B 374 15.60 17.58 26.40
C GLY B 374 14.59 18.12 25.40
N CYS B 375 13.33 18.31 25.84
CA CYS B 375 12.26 18.77 24.96
C CYS B 375 12.14 20.29 25.06
N ASP B 376 13.22 20.97 24.67
CA ASP B 376 13.41 22.40 24.94
C ASP B 376 13.38 23.27 23.68
N LEU B 377 12.78 22.74 22.60
CA LEU B 377 12.52 23.53 21.41
C LEU B 377 11.23 24.34 21.58
N ASP B 378 10.94 25.21 20.60
CA ASP B 378 9.66 25.89 20.54
C ASP B 378 8.62 24.89 20.05
N LEU B 379 7.87 24.32 20.99
CA LEU B 379 6.86 23.31 20.73
C LEU B 379 5.44 23.89 20.69
N VAL B 380 5.36 25.24 20.68
CA VAL B 380 4.09 25.97 20.56
C VAL B 380 3.12 25.48 21.62
N ALA B 381 3.58 25.43 22.87
CA ALA B 381 2.79 24.94 23.97
C ALA B 381 1.51 25.79 24.12
N HIS B 382 0.38 25.09 24.26
CA HIS B 382 -0.90 25.64 24.72
C HIS B 382 -1.74 26.44 23.72
N GLU B 383 -1.10 27.40 23.02
CA GLU B 383 -1.83 28.35 22.17
C GLU B 383 -1.17 28.52 20.82
N ALA B 384 -2.01 28.65 19.79
CA ALA B 384 -1.56 28.92 18.42
C ALA B 384 -0.65 30.14 18.42
N LYS B 385 0.38 30.11 17.56
CA LYS B 385 1.36 31.19 17.49
C LYS B 385 1.45 31.75 16.07
N PRO B 386 0.89 32.95 15.82
CA PRO B 386 1.13 33.65 14.56
C PRO B 386 2.65 33.89 14.37
N ARG B 387 3.17 33.55 13.20
CA ARG B 387 4.59 33.75 12.85
C ARG B 387 4.75 33.64 11.34
N LYS B 388 5.90 34.07 10.82
CA LYS B 388 6.24 33.89 9.41
C LYS B 388 6.50 32.41 9.14
N ILE B 389 5.79 31.86 8.15
CA ILE B 389 6.01 30.49 7.71
C ILE B 389 6.04 30.48 6.20
N ASP B 390 7.25 30.32 5.63
CA ASP B 390 7.41 30.16 4.19
CA ASP B 390 7.44 30.17 4.19
C ASP B 390 7.51 28.70 3.81
N VAL B 391 8.10 27.89 4.71
CA VAL B 391 8.32 26.47 4.47
C VAL B 391 7.84 25.69 5.69
N ALA B 392 7.01 24.69 5.42
CA ALA B 392 6.47 23.80 6.44
C ALA B 392 6.79 22.37 6.08
N LEU B 393 7.15 21.60 7.11
CA LEU B 393 7.50 20.20 7.00
CA LEU B 393 7.51 20.21 7.00
C LEU B 393 6.50 19.37 7.80
N SER B 394 6.10 18.21 7.25
CA SER B 394 5.23 17.27 7.95
C SER B 394 5.91 15.90 7.98
N ASN B 395 6.05 15.35 9.18
CA ASN B 395 6.69 14.06 9.44
C ASN B 395 5.72 12.99 9.87
N SER B 396 5.99 11.76 9.42
CA SER B 396 5.29 10.57 9.89
C SER B 396 6.30 9.45 10.01
N PHE B 397 6.23 8.72 11.11
CA PHE B 397 7.04 7.52 11.33
C PHE B 397 6.09 6.41 11.74
N GLY B 398 6.40 5.17 11.33
CA GLY B 398 5.47 4.08 11.51
C GLY B 398 6.14 2.78 11.85
N PHE B 399 5.32 1.80 12.24
CA PHE B 399 5.77 0.46 12.55
C PHE B 399 6.63 -0.06 11.40
N GLY B 400 7.68 -0.82 11.75
CA GLY B 400 8.66 -1.25 10.79
C GLY B 400 9.78 -0.24 10.60
N GLY B 401 9.67 0.93 11.26
CA GLY B 401 10.64 2.00 11.15
C GLY B 401 10.56 2.71 9.81
N THR B 402 9.35 2.82 9.27
CA THR B 402 9.14 3.43 7.97
C THR B 402 8.86 4.91 8.18
N ASN B 403 9.65 5.76 7.51
CA ASN B 403 9.58 7.20 7.68
C ASN B 403 9.21 7.93 6.40
N GLY B 404 8.47 9.02 6.56
CA GLY B 404 8.13 9.92 5.48
C GLY B 404 8.12 11.35 5.96
N THR B 405 8.59 12.25 5.10
CA THR B 405 8.55 13.67 5.32
C THR B 405 8.07 14.39 4.05
N LEU B 406 7.15 15.34 4.21
CA LEU B 406 6.69 16.21 3.14
C LEU B 406 7.12 17.64 3.42
N VAL B 407 7.51 18.35 2.36
CA VAL B 407 7.90 19.75 2.45
C VAL B 407 6.98 20.57 1.56
N PHE B 408 6.28 21.53 2.18
CA PHE B 408 5.40 22.44 1.51
C PHE B 408 5.96 23.84 1.63
N ARG B 409 5.64 24.68 0.65
CA ARG B 409 6.11 26.09 0.56
CA ARG B 409 6.06 26.11 0.69
C ARG B 409 4.96 27.00 0.12
N ARG B 410 4.93 28.24 0.58
CA ARG B 410 3.98 29.28 0.09
CA ARG B 410 3.98 29.28 0.09
C ARG B 410 4.10 29.37 -1.42
N PHE B 411 2.97 29.48 -2.12
CA PHE B 411 3.00 29.68 -3.56
C PHE B 411 2.58 31.10 -3.85
N ALA B 412 3.40 31.81 -4.64
CA ALA B 412 3.16 33.20 -5.05
C ALA B 412 2.72 33.27 -6.51
#